data_7A8P
#
_entry.id   7A8P
#
_cell.length_a   1.00
_cell.length_b   1.00
_cell.length_c   1.00
_cell.angle_alpha   90.00
_cell.angle_beta   90.00
_cell.angle_gamma   90.00
#
_symmetry.space_group_name_H-M   'P 1'
#
loop_
_entity.id
_entity.type
_entity.pdbx_description
1 polymer 'DNA-directed RNA polymerase, mitochondrial'
2 non-polymer '(3~{R})-1-[(2~{R})-2-[4-(2-chloranyl-4-fluoranyl-phenyl)-2-oxidanylidene-chromen-7-yl]oxypropanoyl]piperidine-3-carboxylic acid'
#
_entity_poly.entity_id   1
_entity_poly.type   'polypeptide(L)'
_entity_poly.pdbx_seq_one_letter_code
;MGHHHHHHENLYFQSNARKVQMGAKDATPVPCGRWAKILEKDKRTQQMRMQRLKAKLQMPFQSGEFKALTRRLQVEPRLL
SKQMAGCLEDCTRQAPESPWEEQLARLLQEAPGKLSLDVEQAPSGQHSQAQLSGQQQRLLAFFKCCLLTDQLPLAHHLLV
VHHGQRQKRKLLTLDMYNAVMLGWARQGAFKELVYVLFMVKDAGLTPDLLSYAAALQCMGRQDQDAGTIERCLEQMSQEG
LKLQALFTAVLLSEEDRATVLKAVHKVKPTFSLPPQLPPPVNTSKLLRDVYAKDGRVSYPKLHLPLKTLQCLFEKQLHME
LASRVCVVSVEKPTLPSKEVKHARKTLKTLRDQWEKALCRALRETKNRLEREVYEGRFSLYPFLCLLDEREVVRMLLQVL
QALPAQGESFTTLARELSARTFSRHVVQRQRVSGQVQALQNHYRKYLCLLASDAEVPEPCLPRQYWEALGAPEALREQPW
PLPVQMELGKLLAEMLVQATQMPCSLDKPHRSSRLVPVLYHVYSFRNVQQIGILKPHPAYVQLLEKAAEPTLTFEAVDVP
MLCPPLPWTSPHSGAFLLSPTKLMRTVEGATQHQELLETCPPTALHGALDALTQLGNCAWRVNGRVLDLVLQLFQAKGCP
QLGVPAPPSEAPQPPEAHLPHSAAPARKAELRRELAHCQKVAREMHSLRAEALYRLSLAQHLRDRVFWLPHNMDFRGRTY
PCPPHFNHLGSDVARALLEFAQGRPLGPHGLDWLKIHLVNLTGLKKREPLRKRLAFAEEVMDDILDSADQPLTGRKWWMG
AEEPWQTLACCMEVANAVRASDPAAYVSHLPVHQDGSCNGLQHYAALGRDSVGAASVNLEPSDVPQDVYSGVAAQVEVFR
RQDAQRGMRVAQVLEGFITRKVVKQTVMTVVYGVTRYGGRLQIEKRLRELSDFPQEFVWEASHYLVRQVFKSLQEMFSGT
RAIQHWLTESARLISHMGSVVEWVTPLGVPVIQPYRLDSKVKQIGGGIQSITYTHNGDISRKPNTRKQKNGFPPNFIHSL
DSSHMMLTALHCYRKGLTFVSVHDCYWTHAADVSVMNQVCREQFVRLHSEPILQDLSRFLVKRFCSEPQKILEASQLKET
LQAVPKPGAFDLEQVKRSTYFFS
;
_entity_poly.pdbx_strand_id   A
#
loop_
_chem_comp.id
_chem_comp.type
_chem_comp.name
_chem_comp.formula
R4Q non-polymer '(3~{R})-1-[(2~{R})-2-[4-(2-chloranyl-4-fluoranyl-phenyl)-2-oxidanylidene-chromen-7-yl]oxypropanoyl]piperidine-3-carboxylic acid' 'C24 H21 Cl F N O6'
#
# COMPACT_ATOMS: atom_id res chain seq x y z
N GLY A 134 1.89 17.81 29.38
CA GLY A 134 0.65 17.16 29.02
C GLY A 134 -0.52 18.12 28.92
N GLN A 135 -0.71 18.92 29.97
CA GLN A 135 -1.81 19.89 29.96
C GLN A 135 -1.58 20.97 28.91
N GLN A 136 -0.33 21.39 28.73
CA GLN A 136 -0.02 22.34 27.67
C GLN A 136 -0.34 21.75 26.30
N GLN A 137 -0.05 20.45 26.11
CA GLN A 137 -0.40 19.80 24.85
C GLN A 137 -1.90 19.76 24.66
N ARG A 138 -2.64 19.42 25.71
CA ARG A 138 -4.10 19.40 25.62
C ARG A 138 -4.65 20.77 25.26
N LEU A 139 -4.11 21.83 25.87
CA LEU A 139 -4.59 23.17 25.57
C LEU A 139 -4.25 23.57 24.15
N LEU A 140 -3.04 23.25 23.69
CA LEU A 140 -2.68 23.55 22.30
C LEU A 140 -3.63 22.85 21.33
N ALA A 141 -3.91 21.57 21.58
CA ALA A 141 -4.84 20.84 20.72
C ALA A 141 -6.23 21.44 20.78
N PHE A 142 -6.66 21.88 21.97
CA PHE A 142 -7.98 22.50 22.10
C PHE A 142 -8.06 23.79 21.28
N PHE A 143 -7.01 24.62 21.35
CA PHE A 143 -7.03 25.87 20.58
C PHE A 143 -6.98 25.59 19.08
N LYS A 144 -6.21 24.59 18.67
CA LYS A 144 -6.16 24.25 17.25
C LYS A 144 -7.51 23.73 16.77
N CYS A 145 -8.19 22.91 17.58
CA CYS A 145 -9.52 22.44 17.22
C CYS A 145 -10.53 23.58 17.19
N CYS A 146 -10.40 24.55 18.10
CA CYS A 146 -11.28 25.71 18.05
C CYS A 146 -11.05 26.51 16.78
N LEU A 147 -9.79 26.65 16.37
CA LEU A 147 -9.51 27.30 15.08
C LEU A 147 -10.15 26.54 13.93
N LEU A 148 -10.05 25.21 13.96
CA LEU A 148 -10.60 24.40 12.88
C LEU A 148 -12.13 24.50 12.84
N THR A 149 -12.76 24.59 14.01
CA THR A 149 -14.22 24.56 14.12
C THR A 149 -14.84 25.96 14.08
N ASP A 150 -14.02 27.02 14.11
CA ASP A 150 -14.52 28.40 14.12
C ASP A 150 -15.18 28.76 15.44
N GLN A 151 -14.68 28.21 16.54
CA GLN A 151 -15.16 28.53 17.89
C GLN A 151 -14.26 29.57 18.57
N LEU A 152 -13.97 30.64 17.83
CA LEU A 152 -13.12 31.70 18.37
C LEU A 152 -13.70 32.33 19.62
N PRO A 153 -15.02 32.52 19.77
CA PRO A 153 -15.53 33.04 21.05
C PRO A 153 -15.15 32.16 22.23
N LEU A 154 -15.34 30.84 22.10
CA LEU A 154 -15.00 29.94 23.21
C LEU A 154 -13.50 29.92 23.45
N ALA A 155 -12.70 29.92 22.39
CA ALA A 155 -11.25 29.95 22.55
C ALA A 155 -10.82 31.22 23.28
N HIS A 156 -11.39 32.36 22.90
CA HIS A 156 -11.07 33.62 23.56
C HIS A 156 -11.47 33.59 25.03
N HIS A 157 -12.65 33.05 25.32
CA HIS A 157 -13.09 32.96 26.72
C HIS A 157 -12.13 32.11 27.53
N LEU A 158 -11.76 30.94 27.00
CA LEU A 158 -10.86 30.06 27.75
C LEU A 158 -9.50 30.71 27.95
N LEU A 159 -8.98 31.37 26.91
CA LEU A 159 -7.68 32.03 27.04
C LEU A 159 -7.74 33.17 28.06
N VAL A 160 -8.85 33.92 28.07
CA VAL A 160 -8.99 35.01 29.02
C VAL A 160 -9.06 34.48 30.45
N VAL A 161 -9.75 33.36 30.64
CA VAL A 161 -9.80 32.75 31.98
C VAL A 161 -8.40 32.31 32.39
N HIS A 162 -7.68 31.64 31.47
CA HIS A 162 -6.32 31.21 31.77
C HIS A 162 -5.44 32.40 32.16
N HIS A 163 -5.56 33.51 31.44
CA HIS A 163 -4.72 34.66 31.72
C HIS A 163 -5.11 35.35 33.03
N GLY A 164 -6.42 35.40 33.33
CA GLY A 164 -6.86 36.03 34.56
C GLY A 164 -6.49 35.25 35.79
N GLN A 165 -6.54 33.92 35.70
CA GLN A 165 -6.10 33.09 36.81
C GLN A 165 -4.57 32.99 36.80
N ARG A 166 -3.94 33.32 37.92
CA ARG A 166 -2.49 33.42 37.97
C ARG A 166 -1.83 32.08 37.65
N GLN A 167 -2.10 31.06 38.48
CA GLN A 167 -1.42 29.78 38.31
C GLN A 167 -1.64 29.20 36.92
N LYS A 168 -2.75 29.54 36.28
CA LYS A 168 -3.04 29.06 34.94
C LYS A 168 -2.42 29.92 33.85
N ARG A 169 -2.05 31.16 34.17
CA ARG A 169 -1.41 32.03 33.18
C ARG A 169 -0.10 31.43 32.68
N LYS A 170 0.66 30.80 33.58
CA LYS A 170 1.94 30.23 33.19
C LYS A 170 1.76 29.05 32.25
N LEU A 171 0.66 28.30 32.39
CA LEU A 171 0.41 27.17 31.51
C LEU A 171 0.22 27.60 30.05
N LEU A 172 -0.21 28.83 29.82
CA LEU A 172 -0.38 29.32 28.46
C LEU A 172 0.97 29.37 27.75
N THR A 173 0.92 29.54 26.43
CA THR A 173 2.11 29.58 25.61
C THR A 173 1.92 30.49 24.42
N LEU A 174 3.03 31.06 23.95
CA LEU A 174 3.00 31.91 22.77
C LEU A 174 2.37 31.18 21.59
N ASP A 175 2.52 29.86 21.53
CA ASP A 175 1.88 29.10 20.44
C ASP A 175 0.37 29.22 20.51
N MET A 176 -0.20 29.07 21.70
CA MET A 176 -1.65 29.19 21.85
C MET A 176 -2.09 30.63 21.59
N TYR A 177 -1.33 31.60 22.08
CA TYR A 177 -1.65 32.99 21.82
C TYR A 177 -1.70 33.26 20.32
N ASN A 178 -0.70 32.76 19.58
CA ASN A 178 -0.66 32.97 18.14
C ASN A 178 -1.76 32.21 17.43
N ALA A 179 -2.16 31.04 17.95
CA ALA A 179 -3.27 30.31 17.35
C ALA A 179 -4.56 31.11 17.46
N VAL A 180 -4.84 31.63 18.65
CA VAL A 180 -6.05 32.45 18.83
C VAL A 180 -5.97 33.71 17.99
N MET A 181 -4.78 34.31 17.91
CA MET A 181 -4.61 35.50 17.08
C MET A 181 -4.89 35.21 15.61
N LEU A 182 -4.38 34.07 15.12
CA LEU A 182 -4.62 33.69 13.73
C LEU A 182 -6.10 33.42 13.49
N GLY A 183 -6.78 32.79 14.44
CA GLY A 183 -8.21 32.58 14.29
C GLY A 183 -8.97 33.89 14.21
N TRP A 184 -8.70 34.81 15.13
CA TRP A 184 -9.37 36.11 15.11
C TRP A 184 -9.04 36.88 13.84
N ALA A 185 -7.82 36.72 13.31
CA ALA A 185 -7.46 37.41 12.08
C ALA A 185 -8.21 36.84 10.89
N ARG A 186 -8.26 35.52 10.79
CA ARG A 186 -9.00 34.89 9.70
C ARG A 186 -10.48 35.26 9.76
N GLN A 187 -11.02 35.44 10.97
CA GLN A 187 -12.40 35.88 11.10
C GLN A 187 -12.56 37.39 10.92
N GLY A 188 -11.47 38.15 10.97
CA GLY A 188 -11.54 39.57 10.70
C GLY A 188 -11.87 40.45 11.88
N ALA A 189 -11.36 40.11 13.07
CA ALA A 189 -11.64 40.86 14.30
C ALA A 189 -10.37 41.58 14.71
N PHE A 190 -10.22 42.82 14.22
CA PHE A 190 -9.04 43.61 14.57
C PHE A 190 -9.04 43.99 16.05
N LYS A 191 -10.21 44.33 16.60
CA LYS A 191 -10.30 44.64 18.02
C LYS A 191 -9.84 43.46 18.86
N GLU A 192 -10.35 42.27 18.57
CA GLU A 192 -9.95 41.08 19.31
C GLU A 192 -8.48 40.75 19.09
N LEU A 193 -7.95 40.99 17.89
CA LEU A 193 -6.54 40.75 17.65
C LEU A 193 -5.67 41.67 18.50
N VAL A 194 -6.05 42.95 18.59
CA VAL A 194 -5.31 43.88 19.44
C VAL A 194 -5.44 43.48 20.91
N TYR A 195 -6.61 42.98 21.30
CA TYR A 195 -6.77 42.54 22.68
C TYR A 195 -5.87 41.36 22.99
N VAL A 196 -5.76 40.41 22.06
CA VAL A 196 -4.88 39.26 22.27
C VAL A 196 -3.43 39.70 22.29
N LEU A 197 -3.06 40.67 21.45
CA LEU A 197 -1.68 41.18 21.49
C LEU A 197 -1.40 41.85 22.83
N PHE A 198 -2.36 42.61 23.35
CA PHE A 198 -2.19 43.26 24.64
C PHE A 198 -2.02 42.21 25.74
N MET A 199 -2.83 41.16 25.70
CA MET A 199 -2.69 40.08 26.67
C MET A 199 -1.32 39.41 26.56
N VAL A 200 -0.84 39.20 25.34
CA VAL A 200 0.48 38.62 25.13
C VAL A 200 1.54 39.50 25.79
N LYS A 201 1.50 40.80 25.51
CA LYS A 201 2.50 41.71 26.08
C LYS A 201 2.41 41.73 27.60
N ASP A 202 1.19 41.66 28.14
CA ASP A 202 1.04 41.60 29.60
C ASP A 202 1.61 40.31 30.17
N ALA A 203 1.57 39.22 29.40
CA ALA A 203 2.10 37.94 29.85
C ALA A 203 3.61 37.83 29.71
N GLY A 204 4.29 38.93 29.39
CA GLY A 204 5.73 38.89 29.25
C GLY A 204 6.20 38.05 28.09
N LEU A 205 5.46 38.07 26.97
CA LEU A 205 5.81 37.33 25.78
C LEU A 205 6.06 38.29 24.63
N THR A 206 7.00 37.92 23.76
CA THR A 206 7.35 38.78 22.63
C THR A 206 6.58 38.37 21.38
N PRO A 207 6.11 39.32 20.56
CA PRO A 207 5.44 38.95 19.32
C PRO A 207 6.40 38.25 18.37
N ASP A 208 5.89 37.24 17.67
CA ASP A 208 6.69 36.39 16.80
C ASP A 208 6.22 36.52 15.35
N LEU A 209 6.91 35.81 14.46
CA LEU A 209 6.53 35.84 13.05
C LEU A 209 5.07 35.44 12.85
N LEU A 210 4.61 34.46 13.63
CA LEU A 210 3.23 34.01 13.50
C LEU A 210 2.24 35.10 13.91
N SER A 211 2.51 35.78 15.03
CA SER A 211 1.64 36.87 15.46
C SER A 211 1.62 37.99 14.44
N TYR A 212 2.80 38.35 13.90
CA TYR A 212 2.84 39.41 12.90
C TYR A 212 2.11 38.99 11.62
N ALA A 213 2.20 37.70 11.26
CA ALA A 213 1.48 37.22 10.10
C ALA A 213 -0.03 37.32 10.31
N ALA A 214 -0.49 36.94 11.50
CA ALA A 214 -1.92 37.06 11.80
C ALA A 214 -2.37 38.52 11.77
N ALA A 215 -1.54 39.41 12.32
CA ALA A 215 -1.89 40.83 12.31
C ALA A 215 -1.99 41.36 10.89
N LEU A 216 -1.01 41.04 10.04
CA LEU A 216 -1.05 41.49 8.66
C LEU A 216 -2.23 40.88 7.92
N GLN A 217 -2.57 39.63 8.22
CA GLN A 217 -3.71 39.00 7.58
C GLN A 217 -5.00 39.72 7.94
N CYS A 218 -5.19 40.02 9.22
CA CYS A 218 -6.39 40.76 9.64
C CYS A 218 -6.43 42.14 9.01
N MET A 219 -5.27 42.81 8.95
CA MET A 219 -5.23 44.15 8.35
C MET A 219 -5.61 44.09 6.88
N GLY A 220 -5.08 43.12 6.14
CA GLY A 220 -5.44 43.00 4.73
C GLY A 220 -6.90 42.60 4.54
N ARG A 221 -7.43 41.80 5.46
CA ARG A 221 -8.84 41.38 5.35
C ARG A 221 -9.77 42.56 5.58
N GLN A 222 -9.46 43.41 6.55
CA GLN A 222 -10.30 44.56 6.86
C GLN A 222 -9.90 45.82 6.11
N ASP A 223 -8.90 45.75 5.24
CA ASP A 223 -8.44 46.90 4.46
C ASP A 223 -7.95 48.01 5.38
N GLN A 224 -7.05 47.64 6.30
CA GLN A 224 -6.51 48.59 7.25
C GLN A 224 -5.68 49.65 6.54
N ASP A 225 -5.42 50.75 7.24
CA ASP A 225 -4.73 51.88 6.65
C ASP A 225 -3.24 51.59 6.47
N ALA A 226 -2.68 52.17 5.41
CA ALA A 226 -1.25 52.02 5.14
C ALA A 226 -0.42 52.54 6.31
N GLY A 227 -0.90 53.55 7.02
CA GLY A 227 -0.18 54.03 8.19
C GLY A 227 -0.03 52.96 9.24
N THR A 228 -1.13 52.29 9.60
CA THR A 228 -1.06 51.22 10.58
C THR A 228 -0.23 50.05 10.07
N ILE A 229 -0.33 49.75 8.78
CA ILE A 229 0.47 48.66 8.20
C ILE A 229 1.95 48.97 8.36
N GLU A 230 2.36 50.18 7.97
CA GLU A 230 3.76 50.58 8.09
C GLU A 230 4.21 50.60 9.54
N ARG A 231 3.33 51.02 10.46
CA ARG A 231 3.69 51.04 11.87
C ARG A 231 3.93 49.62 12.39
N CYS A 232 3.05 48.69 12.03
CA CYS A 232 3.24 47.30 12.43
C CYS A 232 4.54 46.73 11.86
N LEU A 233 4.82 47.03 10.58
CA LEU A 233 6.05 46.54 9.97
C LEU A 233 7.28 47.13 10.64
N GLU A 234 7.21 48.42 11.01
CA GLU A 234 8.34 49.05 11.70
C GLU A 234 8.55 48.42 13.07
N GLN A 235 7.46 48.14 13.80
CA GLN A 235 7.59 47.45 15.08
C GLN A 235 8.20 46.08 14.91
N MET A 236 7.76 45.33 13.89
CA MET A 236 8.32 44.01 13.63
C MET A 236 9.81 44.09 13.33
N SER A 237 10.21 45.06 12.51
CA SER A 237 11.63 45.23 12.20
C SER A 237 12.42 45.60 13.44
N GLN A 238 11.85 46.45 14.30
CA GLN A 238 12.51 46.80 15.55
C GLN A 238 12.67 45.57 16.44
N GLU A 239 11.72 44.64 16.40
CA GLU A 239 11.83 43.40 17.15
C GLU A 239 12.92 42.49 16.62
N GLY A 240 13.50 42.80 15.45
CA GLY A 240 14.57 42.01 14.89
C GLY A 240 14.15 40.97 13.87
N LEU A 241 12.86 40.91 13.54
CA LEU A 241 12.37 39.93 12.58
C LEU A 241 12.42 40.50 11.17
N LYS A 242 12.48 39.61 10.19
CA LYS A 242 12.57 39.97 8.78
C LYS A 242 11.25 39.67 8.07
N LEU A 243 10.97 40.45 7.03
CA LEU A 243 9.72 40.29 6.30
C LEU A 243 9.77 39.08 5.37
N GLN A 244 10.93 38.82 4.76
CA GLN A 244 11.04 37.69 3.84
C GLN A 244 11.04 36.36 4.59
N ALA A 245 11.50 36.34 5.84
CA ALA A 245 11.52 35.11 6.61
C ALA A 245 10.15 34.69 7.09
N LEU A 246 9.17 35.59 7.09
CA LEU A 246 7.83 35.25 7.54
C LEU A 246 7.18 34.24 6.61
N PHE A 247 7.16 34.55 5.32
CA PHE A 247 6.55 33.64 4.34
C PHE A 247 7.24 32.29 4.31
N THR A 248 8.47 32.19 4.81
CA THR A 248 9.22 30.93 4.77
C THR A 248 9.08 30.13 6.05
N ALA A 249 8.95 30.79 7.20
CA ALA A 249 8.91 30.11 8.49
C ALA A 249 7.50 29.92 9.03
N VAL A 250 6.53 30.73 8.59
CA VAL A 250 5.16 30.65 9.08
C VAL A 250 4.34 29.81 8.11
N LEU A 251 3.62 28.82 8.64
CA LEU A 251 2.76 27.98 7.83
C LEU A 251 1.40 28.63 7.67
N LEU A 252 1.02 28.92 6.43
CA LEU A 252 -0.24 29.59 6.14
C LEU A 252 -0.82 29.04 4.85
N SER A 253 -2.15 29.12 4.74
CA SER A 253 -2.83 28.66 3.54
C SER A 253 -2.69 29.69 2.43
N GLU A 254 -3.20 29.33 1.25
CA GLU A 254 -3.09 30.22 0.10
C GLU A 254 -3.88 31.51 0.32
N GLU A 255 -5.08 31.39 0.89
CA GLU A 255 -5.89 32.59 1.14
C GLU A 255 -5.22 33.51 2.15
N ASP A 256 -4.68 32.94 3.23
CA ASP A 256 -3.99 33.76 4.22
C ASP A 256 -2.76 34.42 3.62
N ARG A 257 -2.00 33.68 2.81
CA ARG A 257 -0.84 34.26 2.15
C ARG A 257 -1.25 35.41 1.24
N ALA A 258 -2.33 35.22 0.47
CA ALA A 258 -2.79 36.28 -0.43
C ALA A 258 -3.22 37.52 0.36
N THR A 259 -3.92 37.32 1.47
CA THR A 259 -4.34 38.47 2.28
C THR A 259 -3.13 39.19 2.88
N VAL A 260 -2.14 38.43 3.36
CA VAL A 260 -0.95 39.06 3.92
C VAL A 260 -0.19 39.84 2.84
N LEU A 261 -0.12 39.28 1.63
CA LEU A 261 0.55 39.98 0.54
C LEU A 261 -0.21 41.25 0.15
N LYS A 262 -1.55 41.17 0.14
CA LYS A 262 -2.35 42.37 -0.12
C LYS A 262 -2.08 43.44 0.93
N ALA A 263 -2.01 43.04 2.21
CA ALA A 263 -1.73 44.00 3.26
C ALA A 263 -0.34 44.61 3.09
N VAL A 264 0.66 43.81 2.73
CA VAL A 264 2.02 44.31 2.61
C VAL A 264 2.14 45.25 1.42
N HIS A 265 1.53 44.90 0.29
CA HIS A 265 1.69 45.70 -0.93
C HIS A 265 1.17 47.12 -0.76
N LYS A 266 0.34 47.38 0.25
CA LYS A 266 -0.20 48.72 0.43
C LYS A 266 0.89 49.70 0.88
N VAL A 267 1.92 49.20 1.53
CA VAL A 267 3.04 50.03 1.99
C VAL A 267 4.30 49.77 1.16
N LYS A 268 4.57 48.50 0.85
CA LYS A 268 5.69 48.16 -0.02
C LYS A 268 5.16 47.47 -1.28
N PRO A 269 4.70 48.23 -2.27
CA PRO A 269 4.14 47.59 -3.48
C PRO A 269 5.18 46.83 -4.29
N THR A 270 6.47 47.16 -4.15
CA THR A 270 7.53 46.48 -4.88
C THR A 270 8.07 45.27 -4.13
N PHE A 271 7.32 44.74 -3.16
CA PHE A 271 7.74 43.57 -2.40
C PHE A 271 7.18 42.32 -3.05
N SER A 272 8.05 41.55 -3.69
CA SER A 272 7.67 40.30 -4.34
C SER A 272 8.51 39.16 -3.77
N LEU A 273 7.84 38.06 -3.45
CA LEU A 273 8.55 36.90 -2.94
C LEU A 273 9.50 36.35 -4.00
N PRO A 274 10.58 35.68 -3.58
CA PRO A 274 11.53 35.15 -4.56
C PRO A 274 10.86 34.17 -5.50
N PRO A 275 11.15 34.23 -6.79
CA PRO A 275 10.47 33.33 -7.73
C PRO A 275 10.85 31.89 -7.50
N GLN A 276 9.87 31.00 -7.61
CA GLN A 276 10.12 29.58 -7.43
C GLN A 276 11.09 29.06 -8.48
N LEU A 277 12.01 28.20 -8.05
CA LEU A 277 12.99 27.64 -8.95
C LEU A 277 12.44 26.41 -9.67
N PRO A 278 13.03 26.03 -10.80
CA PRO A 278 12.58 24.82 -11.47
C PRO A 278 12.75 23.61 -10.57
N PRO A 279 11.92 22.58 -10.74
CA PRO A 279 12.02 21.42 -9.86
C PRO A 279 13.30 20.64 -10.15
N PRO A 280 13.90 20.03 -9.14
CA PRO A 280 15.13 19.25 -9.38
C PRO A 280 14.82 17.87 -9.93
N VAL A 281 15.68 17.42 -10.84
CA VAL A 281 15.55 16.10 -11.46
C VAL A 281 16.79 15.28 -11.10
N ASN A 282 16.57 14.05 -10.65
CA ASN A 282 17.68 13.18 -10.29
C ASN A 282 18.45 12.78 -11.54
N THR A 283 19.76 12.65 -11.39
CA THR A 283 20.65 12.27 -12.49
C THR A 283 21.60 11.17 -12.02
N SER A 284 21.01 10.08 -11.51
CA SER A 284 21.80 8.94 -11.07
C SER A 284 22.26 8.11 -12.27
N LYS A 285 23.42 7.47 -12.11
CA LYS A 285 23.97 6.65 -13.19
C LYS A 285 22.95 5.65 -13.71
N LEU A 286 22.00 5.22 -12.86
CA LEU A 286 20.97 4.29 -13.28
C LEU A 286 19.75 5.01 -13.87
N LEU A 287 19.23 6.00 -13.15
CA LEU A 287 18.06 6.74 -13.61
C LEU A 287 18.40 7.86 -14.60
N ARG A 288 19.66 7.99 -15.00
CA ARG A 288 20.03 9.03 -15.94
C ARG A 288 19.31 8.83 -17.27
N ASP A 289 19.38 7.63 -17.83
CA ASP A 289 18.69 7.35 -19.09
C ASP A 289 17.18 7.44 -18.92
N VAL A 290 16.68 7.25 -17.69
CA VAL A 290 15.24 7.28 -17.45
C VAL A 290 14.74 8.72 -17.48
N TYR A 291 15.44 9.62 -16.79
CA TYR A 291 15.00 11.01 -16.66
C TYR A 291 15.66 11.93 -17.68
N ALA A 292 16.43 11.40 -18.61
CA ALA A 292 17.05 12.23 -19.63
C ALA A 292 16.03 12.70 -20.65
N LYS A 293 16.10 13.99 -20.99
CA LYS A 293 15.20 14.53 -22.01
C LYS A 293 15.62 14.11 -23.41
N ASP A 294 16.91 13.77 -23.59
CA ASP A 294 17.39 13.39 -24.92
C ASP A 294 16.73 12.12 -25.41
N GLY A 295 16.62 11.11 -24.54
CA GLY A 295 16.02 9.85 -24.92
C GLY A 295 14.59 9.98 -25.36
N ARG A 296 14.25 9.40 -26.50
CA ARG A 296 12.88 9.48 -27.00
C ARG A 296 11.96 8.63 -26.14
N VAL A 297 10.69 9.04 -26.06
CA VAL A 297 9.70 8.38 -25.22
C VAL A 297 8.37 8.32 -25.96
N SER A 298 7.57 7.31 -25.60
CA SER A 298 6.23 7.11 -26.15
C SER A 298 5.40 6.43 -25.06
N TYR A 299 5.05 7.20 -24.03
CA TYR A 299 4.35 6.63 -22.89
C TYR A 299 2.97 6.13 -23.30
N PRO A 300 2.41 5.18 -22.55
CA PRO A 300 1.07 4.70 -22.86
C PRO A 300 0.00 5.70 -22.42
N LYS A 301 -1.20 5.50 -22.96
CA LYS A 301 -2.35 6.36 -22.67
C LYS A 301 -3.56 5.49 -22.39
N LEU A 302 -4.28 5.81 -21.32
CA LEU A 302 -5.45 5.01 -20.95
C LEU A 302 -6.47 5.03 -22.07
N HIS A 303 -7.18 3.90 -22.22
CA HIS A 303 -8.17 3.78 -23.29
C HIS A 303 -9.40 4.64 -23.02
N LEU A 304 -9.77 4.82 -21.76
CA LEU A 304 -10.96 5.59 -21.45
C LEU A 304 -10.79 7.03 -21.93
N PRO A 305 -11.86 7.67 -22.40
CA PRO A 305 -11.78 9.06 -22.81
C PRO A 305 -11.74 9.99 -21.60
N LEU A 306 -11.45 11.27 -21.89
CA LEU A 306 -11.32 12.25 -20.81
C LEU A 306 -12.63 12.44 -20.07
N LYS A 307 -13.75 12.44 -20.80
CA LYS A 307 -15.04 12.66 -20.15
C LYS A 307 -15.42 11.49 -19.25
N THR A 308 -15.22 10.26 -19.73
CA THR A 308 -15.49 9.09 -18.89
C THR A 308 -14.55 9.05 -17.71
N LEU A 309 -13.30 9.49 -17.89
CA LEU A 309 -12.37 9.54 -16.76
C LEU A 309 -12.84 10.54 -15.71
N GLN A 310 -13.33 11.71 -16.16
CA GLN A 310 -13.87 12.69 -15.21
C GLN A 310 -15.09 12.13 -14.48
N CYS A 311 -15.96 11.41 -15.21
CA CYS A 311 -17.13 10.83 -14.57
C CYS A 311 -16.73 9.79 -13.52
N LEU A 312 -15.75 8.95 -13.85
CA LEU A 312 -15.28 7.96 -12.88
C LEU A 312 -14.63 8.64 -11.68
N PHE A 313 -13.92 9.75 -11.92
CA PHE A 313 -13.34 10.50 -10.81
C PHE A 313 -14.44 11.06 -9.91
N GLU A 314 -15.52 11.57 -10.49
CA GLU A 314 -16.64 12.05 -9.69
C GLU A 314 -17.26 10.93 -8.88
N LYS A 315 -17.43 9.75 -9.50
CA LYS A 315 -17.96 8.61 -8.77
C LYS A 315 -17.07 8.25 -7.59
N GLN A 316 -15.75 8.19 -7.82
CA GLN A 316 -14.83 7.85 -6.75
C GLN A 316 -14.86 8.90 -5.65
N LEU A 317 -14.96 10.18 -6.02
CA LEU A 317 -15.04 11.23 -5.02
C LEU A 317 -16.29 11.09 -4.16
N HIS A 318 -17.44 10.83 -4.80
CA HIS A 318 -18.67 10.63 -4.05
C HIS A 318 -18.56 9.44 -3.12
N MET A 319 -17.98 8.33 -3.61
CA MET A 319 -17.85 7.15 -2.77
C MET A 319 -16.94 7.40 -1.58
N GLU A 320 -15.82 8.10 -1.80
CA GLU A 320 -14.89 8.38 -0.71
C GLU A 320 -15.50 9.35 0.29
N LEU A 321 -16.33 10.28 -0.17
CA LEU A 321 -17.04 11.16 0.76
C LEU A 321 -18.06 10.37 1.57
N ALA A 322 -18.72 9.41 0.93
CA ALA A 322 -19.64 8.54 1.67
C ALA A 322 -18.91 7.74 2.72
N SER A 323 -17.70 7.26 2.40
CA SER A 323 -16.78 6.57 3.29
C SER A 323 -17.19 5.12 3.54
N ARG A 324 -18.32 4.66 3.02
CA ARG A 324 -18.75 3.28 3.20
C ARG A 324 -19.48 2.82 1.95
N VAL A 325 -19.29 1.56 1.60
CA VAL A 325 -19.88 0.96 0.40
C VAL A 325 -20.59 -0.32 0.79
N CYS A 326 -21.79 -0.51 0.25
CA CYS A 326 -22.60 -1.70 0.50
C CYS A 326 -22.57 -2.58 -0.75
N VAL A 327 -22.16 -3.83 -0.58
CA VAL A 327 -22.04 -4.78 -1.68
C VAL A 327 -22.97 -5.95 -1.41
N VAL A 328 -23.59 -6.47 -2.47
CA VAL A 328 -24.50 -7.60 -2.34
C VAL A 328 -23.67 -8.88 -2.18
N SER A 329 -24.01 -9.66 -1.16
CA SER A 329 -23.30 -10.91 -0.92
C SER A 329 -23.59 -11.90 -2.04
N VAL A 330 -22.61 -12.77 -2.31
CA VAL A 330 -22.75 -13.77 -3.37
C VAL A 330 -23.07 -15.11 -2.74
N GLU A 331 -24.00 -15.11 -1.79
CA GLU A 331 -24.49 -16.33 -1.17
C GLU A 331 -25.97 -16.49 -1.47
N LYS A 332 -26.38 -17.72 -1.79
CA LYS A 332 -27.75 -17.96 -2.22
C LYS A 332 -28.73 -17.55 -1.14
N PRO A 333 -29.65 -16.61 -1.41
CA PRO A 333 -30.63 -16.23 -0.39
C PRO A 333 -31.87 -17.10 -0.40
N THR A 334 -32.18 -17.74 0.72
CA THR A 334 -33.37 -18.58 0.79
C THR A 334 -34.64 -17.73 0.82
N LEU A 335 -34.59 -16.58 1.50
CA LEU A 335 -35.72 -15.67 1.60
C LEU A 335 -36.92 -16.38 2.20
N PRO A 336 -36.84 -16.83 3.45
CA PRO A 336 -38.03 -17.35 4.13
C PRO A 336 -38.77 -16.24 4.86
N SER A 337 -39.95 -16.57 5.42
CA SER A 337 -40.76 -15.59 6.11
C SER A 337 -41.05 -15.93 7.58
N LYS A 338 -40.83 -17.17 8.00
CA LYS A 338 -41.17 -17.55 9.37
C LYS A 338 -40.21 -16.92 10.37
N GLU A 339 -38.92 -16.92 10.07
CA GLU A 339 -37.89 -16.44 10.98
C GLU A 339 -37.14 -15.23 10.46
N VAL A 340 -36.74 -15.25 9.18
CA VAL A 340 -35.85 -14.22 8.66
C VAL A 340 -36.54 -12.87 8.67
N LYS A 341 -37.79 -12.81 8.22
CA LYS A 341 -38.48 -11.53 8.13
C LYS A 341 -38.74 -10.95 9.53
N HIS A 342 -39.18 -11.79 10.46
CA HIS A 342 -39.39 -11.32 11.82
C HIS A 342 -38.09 -10.81 12.44
N ALA A 343 -36.99 -11.54 12.23
CA ALA A 343 -35.70 -11.11 12.74
C ALA A 343 -35.30 -9.76 12.14
N ARG A 344 -35.49 -9.60 10.83
CA ARG A 344 -35.09 -8.35 10.19
C ARG A 344 -35.94 -7.18 10.70
N LYS A 345 -37.24 -7.39 10.88
CA LYS A 345 -38.10 -6.32 11.34
C LYS A 345 -37.76 -5.92 12.78
N THR A 346 -37.59 -6.90 13.67
CA THR A 346 -37.24 -6.57 15.05
C THR A 346 -35.86 -5.92 15.12
N LEU A 347 -34.93 -6.34 14.27
CA LEU A 347 -33.62 -5.70 14.24
C LEU A 347 -33.71 -4.27 13.75
N LYS A 348 -34.60 -4.01 12.79
CA LYS A 348 -34.83 -2.64 12.35
C LYS A 348 -35.38 -1.77 13.49
N THR A 349 -36.35 -2.30 14.24
CA THR A 349 -36.86 -1.57 15.39
C THR A 349 -35.75 -1.29 16.40
N LEU A 350 -34.91 -2.29 16.68
CA LEU A 350 -33.82 -2.10 17.63
C LEU A 350 -32.83 -1.05 17.12
N ARG A 351 -32.56 -1.06 15.81
CA ARG A 351 -31.65 -0.06 15.24
C ARG A 351 -32.22 1.34 15.39
N ASP A 352 -33.51 1.51 15.12
CA ASP A 352 -34.13 2.82 15.30
C ASP A 352 -34.04 3.27 16.75
N GLN A 353 -34.34 2.38 17.68
CA GLN A 353 -34.24 2.72 19.10
C GLN A 353 -32.82 3.14 19.46
N TRP A 354 -31.84 2.36 19.00
CA TRP A 354 -30.45 2.67 19.32
C TRP A 354 -30.04 4.02 18.75
N GLU A 355 -30.47 4.33 17.53
CA GLU A 355 -30.13 5.61 16.91
C GLU A 355 -30.73 6.76 17.69
N LYS A 356 -32.01 6.66 18.04
CA LYS A 356 -32.67 7.76 18.74
C LYS A 356 -32.22 7.87 20.19
N ALA A 357 -31.61 6.82 20.74
CA ALA A 357 -30.98 6.95 22.06
C ALA A 357 -29.60 7.58 21.95
N LEU A 358 -28.82 7.18 20.94
CA LEU A 358 -27.49 7.74 20.76
C LEU A 358 -27.55 9.23 20.45
N CYS A 359 -28.55 9.66 19.67
CA CYS A 359 -28.69 11.08 19.39
C CYS A 359 -28.88 11.89 20.68
N ARG A 360 -29.79 11.43 21.54
CA ARG A 360 -30.02 12.10 22.81
C ARG A 360 -28.76 12.09 23.68
N ALA A 361 -28.08 10.95 23.74
CA ALA A 361 -26.87 10.87 24.54
C ALA A 361 -25.81 11.85 24.05
N LEU A 362 -25.62 11.93 22.73
CA LEU A 362 -24.63 12.85 22.18
C LEU A 362 -25.01 14.30 22.46
N ARG A 363 -26.29 14.64 22.30
CA ARG A 363 -26.70 16.03 22.57
C ARG A 363 -26.49 16.38 24.03
N GLU A 364 -26.84 15.48 24.94
CA GLU A 364 -26.64 15.74 26.36
C GLU A 364 -25.15 15.90 26.68
N THR A 365 -24.31 15.04 26.11
CA THR A 365 -22.88 15.14 26.36
C THR A 365 -22.31 16.44 25.82
N LYS A 366 -22.78 16.86 24.64
CA LYS A 366 -22.29 18.11 24.07
C LYS A 366 -22.70 19.30 24.91
N ASN A 367 -23.94 19.30 25.41
CA ASN A 367 -24.37 20.39 26.30
C ASN A 367 -23.54 20.39 27.58
N ARG A 368 -23.27 19.21 28.14
CA ARG A 368 -22.46 19.12 29.35
C ARG A 368 -21.07 19.69 29.10
N LEU A 369 -20.45 19.32 27.99
CA LEU A 369 -19.11 19.83 27.69
C LEU A 369 -19.13 21.32 27.42
N GLU A 370 -20.19 21.84 26.79
CA GLU A 370 -20.29 23.27 26.58
C GLU A 370 -20.36 24.01 27.91
N ARG A 371 -21.21 23.55 28.82
CA ARG A 371 -21.28 24.18 30.14
C ARG A 371 -19.95 24.07 30.87
N GLU A 372 -19.27 22.92 30.73
CA GLU A 372 -17.98 22.75 31.40
C GLU A 372 -16.97 23.75 30.88
N VAL A 373 -16.90 23.92 29.56
CA VAL A 373 -15.94 24.87 28.99
C VAL A 373 -16.29 26.29 29.41
N TYR A 374 -17.57 26.64 29.37
CA TYR A 374 -17.98 27.98 29.79
C TYR A 374 -17.65 28.22 31.26
N GLU A 375 -17.62 27.16 32.08
CA GLU A 375 -17.24 27.31 33.46
C GLU A 375 -15.75 27.64 33.60
N GLY A 376 -14.93 27.16 32.67
CA GLY A 376 -13.51 27.48 32.67
C GLY A 376 -12.61 26.30 32.39
N ARG A 377 -13.03 25.10 32.78
CA ARG A 377 -12.21 23.92 32.63
C ARG A 377 -12.20 23.43 31.19
N PHE A 378 -11.12 22.75 30.83
CA PHE A 378 -10.97 22.23 29.47
C PHE A 378 -11.77 20.94 29.29
N SER A 379 -12.30 20.75 28.10
CA SER A 379 -13.10 19.58 27.78
C SER A 379 -12.95 19.26 26.30
N LEU A 380 -13.80 18.36 25.80
CA LEU A 380 -13.76 17.93 24.41
C LEU A 380 -14.95 18.46 23.61
N TYR A 381 -15.47 19.61 24.01
CA TYR A 381 -16.63 20.18 23.32
C TYR A 381 -16.34 20.46 21.85
N PRO A 382 -15.30 21.20 21.48
CA PRO A 382 -15.05 21.42 20.05
C PRO A 382 -14.72 20.14 19.30
N PHE A 383 -14.07 19.19 19.96
CA PHE A 383 -13.81 17.89 19.31
C PHE A 383 -15.11 17.18 18.98
N LEU A 384 -16.10 17.27 19.87
CA LEU A 384 -17.39 16.66 19.59
C LEU A 384 -18.13 17.42 18.48
N CYS A 385 -18.12 18.75 18.55
CA CYS A 385 -18.76 19.56 17.51
C CYS A 385 -18.02 19.50 16.19
N LEU A 386 -16.80 18.94 16.17
CA LEU A 386 -16.04 18.89 14.93
C LEU A 386 -16.73 18.02 13.89
N LEU A 387 -17.30 16.90 14.32
CA LEU A 387 -18.03 15.99 13.45
C LEU A 387 -19.53 16.14 13.68
N ASP A 388 -20.29 16.09 12.58
CA ASP A 388 -21.74 16.21 12.69
C ASP A 388 -22.30 15.08 13.56
N GLU A 389 -23.34 15.41 14.32
CA GLU A 389 -23.97 14.41 15.18
C GLU A 389 -24.46 13.22 14.36
N ARG A 390 -25.00 13.48 13.16
CA ARG A 390 -25.42 12.40 12.28
C ARG A 390 -24.24 11.48 11.98
N GLU A 391 -23.11 12.05 11.59
CA GLU A 391 -21.95 11.23 11.26
C GLU A 391 -21.47 10.44 12.47
N VAL A 392 -21.48 11.06 13.65
CA VAL A 392 -21.03 10.37 14.85
C VAL A 392 -21.92 9.16 15.14
N VAL A 393 -23.24 9.37 15.14
CA VAL A 393 -24.15 8.28 15.45
C VAL A 393 -24.07 7.19 14.39
N ARG A 394 -23.91 7.59 13.13
CA ARG A 394 -23.82 6.59 12.05
C ARG A 394 -22.56 5.75 12.18
N MET A 395 -21.42 6.39 12.47
CA MET A 395 -20.19 5.64 12.67
C MET A 395 -20.30 4.73 13.88
N LEU A 396 -20.95 5.20 14.95
CA LEU A 396 -21.12 4.37 16.12
C LEU A 396 -21.96 3.13 15.80
N LEU A 397 -23.05 3.31 15.06
CA LEU A 397 -23.90 2.18 14.69
C LEU A 397 -23.16 1.23 13.77
N GLN A 398 -22.37 1.76 12.84
CA GLN A 398 -21.60 0.90 11.94
C GLN A 398 -20.57 0.08 12.73
N VAL A 399 -19.91 0.70 13.71
CA VAL A 399 -18.94 -0.02 14.52
C VAL A 399 -19.65 -1.11 15.33
N LEU A 400 -20.82 -0.78 15.90
CA LEU A 400 -21.55 -1.78 16.66
C LEU A 400 -21.99 -2.94 15.79
N GLN A 401 -22.35 -2.65 14.53
CA GLN A 401 -22.75 -3.72 13.61
C GLN A 401 -21.56 -4.59 13.23
N ALA A 402 -20.40 -3.97 12.97
CA ALA A 402 -19.20 -4.70 12.60
C ALA A 402 -18.51 -5.34 13.80
N LEU A 403 -19.00 -5.10 15.01
CA LEU A 403 -18.40 -5.71 16.19
C LEU A 403 -18.39 -7.22 16.04
N PRO A 404 -17.27 -7.90 16.28
CA PRO A 404 -17.24 -9.36 16.16
C PRO A 404 -18.11 -10.03 17.22
N ALA A 405 -18.62 -11.21 16.86
CA ALA A 405 -19.47 -11.95 17.78
C ALA A 405 -18.70 -12.38 19.03
N GLN A 406 -17.48 -12.89 18.84
CA GLN A 406 -16.69 -13.35 19.98
C GLN A 406 -16.37 -12.20 20.94
N GLY A 407 -16.31 -10.98 20.44
CA GLY A 407 -16.03 -9.81 21.25
C GLY A 407 -14.75 -9.11 20.81
N GLU A 408 -14.58 -7.90 21.34
CA GLU A 408 -13.42 -7.07 21.05
C GLU A 408 -13.01 -6.33 22.31
N SER A 409 -11.73 -5.95 22.36
CA SER A 409 -11.19 -5.28 23.53
C SER A 409 -11.76 -3.87 23.65
N PHE A 410 -11.87 -3.40 24.89
CA PHE A 410 -12.41 -2.07 25.14
C PHE A 410 -11.44 -1.00 24.65
N THR A 411 -10.16 -1.13 24.99
CA THR A 411 -9.17 -0.15 24.55
C THR A 411 -9.05 -0.13 23.03
N THR A 412 -9.10 -1.31 22.40
CA THR A 412 -9.05 -1.36 20.94
C THR A 412 -10.27 -0.67 20.33
N LEU A 413 -11.45 -0.85 20.94
CA LEU A 413 -12.64 -0.19 20.42
C LEU A 413 -12.54 1.31 20.56
N ALA A 414 -12.02 1.80 21.70
CA ALA A 414 -11.85 3.23 21.88
C ALA A 414 -10.85 3.79 20.88
N ARG A 415 -9.73 3.09 20.67
CA ARG A 415 -8.76 3.53 19.68
C ARG A 415 -9.37 3.59 18.29
N GLU A 416 -10.13 2.55 17.91
CA GLU A 416 -10.78 2.54 16.61
C GLU A 416 -11.74 3.72 16.48
N LEU A 417 -12.53 3.97 17.52
CA LEU A 417 -13.49 5.08 17.45
C LEU A 417 -12.78 6.42 17.28
N SER A 418 -11.70 6.64 18.05
CA SER A 418 -10.97 7.89 17.96
C SER A 418 -10.34 8.06 16.57
N ALA A 419 -9.71 7.01 16.06
CA ALA A 419 -9.08 7.09 14.75
C ALA A 419 -10.11 7.32 13.65
N ARG A 420 -11.27 6.65 13.75
CA ARG A 420 -12.32 6.86 12.77
C ARG A 420 -12.83 8.30 12.82
N THR A 421 -13.05 8.83 14.02
CA THR A 421 -13.47 10.22 14.14
C THR A 421 -12.45 11.15 13.49
N PHE A 422 -11.16 10.93 13.77
CA PHE A 422 -10.12 11.79 13.20
C PHE A 422 -10.11 11.71 11.68
N SER A 423 -10.22 10.49 11.13
CA SER A 423 -10.16 10.35 9.67
C SER A 423 -11.38 10.97 9.00
N ARG A 424 -12.57 10.74 9.56
CA ARG A 424 -13.76 11.36 8.98
C ARG A 424 -13.70 12.87 9.10
N HIS A 425 -13.15 13.38 10.20
CA HIS A 425 -12.94 14.82 10.31
C HIS A 425 -12.00 15.32 9.22
N VAL A 426 -10.93 14.58 8.95
CA VAL A 426 -10.00 14.98 7.91
C VAL A 426 -10.72 15.07 6.57
N VAL A 427 -11.53 14.06 6.24
CA VAL A 427 -12.20 14.05 4.95
C VAL A 427 -13.22 15.19 4.85
N GLN A 428 -14.04 15.37 5.89
CA GLN A 428 -15.05 16.43 5.85
C GLN A 428 -14.39 17.80 5.84
N ARG A 429 -13.21 17.93 6.45
CA ARG A 429 -12.47 19.19 6.39
C ARG A 429 -11.97 19.44 4.97
N GLN A 430 -11.39 18.43 4.33
CA GLN A 430 -11.00 18.56 2.93
C GLN A 430 -12.19 18.98 2.08
N ARG A 431 -13.38 18.47 2.40
CA ARG A 431 -14.57 18.83 1.62
C ARG A 431 -14.97 20.28 1.85
N VAL A 432 -15.18 20.67 3.11
CA VAL A 432 -15.75 21.98 3.39
C VAL A 432 -14.75 23.10 3.07
N SER A 433 -13.46 22.86 3.32
CA SER A 433 -12.46 23.91 3.13
C SER A 433 -12.14 24.19 1.66
N GLY A 434 -12.90 23.67 0.69
CA GLY A 434 -12.59 23.89 -0.71
C GLY A 434 -11.43 23.07 -1.23
N GLN A 435 -10.75 22.31 -0.37
CA GLN A 435 -9.66 21.47 -0.84
C GLN A 435 -10.14 20.45 -1.85
N VAL A 436 -11.36 19.93 -1.67
CA VAL A 436 -11.92 18.98 -2.64
C VAL A 436 -12.15 19.69 -3.97
N GLN A 437 -12.64 20.93 -3.94
CA GLN A 437 -12.87 21.67 -5.18
C GLN A 437 -11.56 21.93 -5.90
N ALA A 438 -10.52 22.32 -5.16
CA ALA A 438 -9.22 22.54 -5.78
C ALA A 438 -8.65 21.25 -6.35
N LEU A 439 -8.81 20.14 -5.62
CA LEU A 439 -8.34 18.85 -6.11
C LEU A 439 -9.06 18.47 -7.39
N GLN A 440 -10.37 18.71 -7.46
CA GLN A 440 -11.12 18.40 -8.68
C GLN A 440 -10.65 19.28 -9.83
N ASN A 441 -10.45 20.58 -9.57
CA ASN A 441 -9.97 21.48 -10.61
C ASN A 441 -8.62 21.02 -11.17
N HIS A 442 -7.72 20.58 -10.28
CA HIS A 442 -6.42 20.13 -10.73
C HIS A 442 -6.50 18.77 -11.43
N TYR A 443 -7.41 17.90 -10.97
CA TYR A 443 -7.52 16.57 -11.56
C TYR A 443 -8.11 16.64 -12.96
N ARG A 444 -9.07 17.53 -13.18
CA ARG A 444 -9.65 17.68 -14.51
C ARG A 444 -8.59 18.04 -15.53
N LYS A 445 -7.54 18.74 -15.12
CA LYS A 445 -6.44 19.05 -16.02
C LYS A 445 -5.44 17.91 -16.09
N TYR A 446 -5.14 17.29 -14.95
CA TYR A 446 -4.15 16.21 -14.91
C TYR A 446 -4.60 15.03 -15.76
N LEU A 447 -5.90 14.79 -15.88
CA LEU A 447 -6.38 13.66 -16.66
C LEU A 447 -6.10 13.82 -18.15
N CYS A 448 -5.74 15.02 -18.61
CA CYS A 448 -5.42 15.19 -20.01
C CYS A 448 -4.22 14.35 -20.41
N LEU A 449 -3.33 14.05 -19.46
CA LEU A 449 -2.16 13.23 -19.79
C LEU A 449 -2.54 11.77 -19.99
N LEU A 450 -3.42 11.24 -19.14
CA LEU A 450 -3.77 9.83 -19.21
C LEU A 450 -4.82 9.56 -20.30
N ALA A 451 -5.76 10.48 -20.47
CA ALA A 451 -6.81 10.30 -21.46
C ALA A 451 -6.20 10.16 -22.86
N SER A 452 -6.81 9.31 -23.68
CA SER A 452 -6.29 9.08 -25.02
C SER A 452 -6.59 10.26 -25.94
N ASP A 453 -7.86 10.67 -26.00
CA ASP A 453 -8.24 11.77 -26.89
C ASP A 453 -7.49 13.05 -26.53
N ALA A 454 -7.30 13.30 -25.24
CA ALA A 454 -6.61 14.51 -24.81
C ALA A 454 -5.10 14.34 -24.99
N GLU A 455 -4.45 15.41 -25.44
CA GLU A 455 -3.01 15.42 -25.65
C GLU A 455 -2.41 16.63 -24.95
N VAL A 456 -1.39 16.39 -24.14
CA VAL A 456 -0.73 17.45 -23.38
C VAL A 456 0.33 18.11 -24.25
N PRO A 457 0.81 19.31 -23.90
CA PRO A 457 1.84 19.95 -24.75
C PRO A 457 3.11 19.13 -24.89
N GLU A 458 3.71 18.72 -23.77
CA GLU A 458 4.95 17.96 -23.78
C GLU A 458 4.76 16.68 -22.98
N PRO A 459 5.10 15.52 -23.51
CA PRO A 459 4.98 14.28 -22.73
C PRO A 459 5.92 14.29 -21.53
N CYS A 460 5.41 13.84 -20.39
CA CYS A 460 6.20 13.72 -19.18
C CYS A 460 5.48 12.77 -18.23
N LEU A 461 6.18 12.40 -17.16
CA LEU A 461 5.64 11.43 -16.22
C LEU A 461 4.45 12.02 -15.47
N PRO A 462 3.60 11.17 -14.88
CA PRO A 462 2.44 11.70 -14.15
C PRO A 462 2.83 12.59 -12.99
N ARG A 463 3.82 12.19 -12.19
CA ARG A 463 4.26 13.03 -11.08
C ARG A 463 4.81 14.35 -11.58
N GLN A 464 5.60 14.32 -12.66
CA GLN A 464 6.15 15.55 -13.21
C GLN A 464 5.04 16.49 -13.67
N TYR A 465 4.04 15.96 -14.36
CA TYR A 465 2.93 16.79 -14.82
C TYR A 465 2.14 17.36 -13.65
N TRP A 466 1.91 16.53 -12.63
CA TRP A 466 1.19 17.01 -11.44
C TRP A 466 1.94 18.14 -10.77
N GLU A 467 3.26 17.98 -10.60
CA GLU A 467 4.05 19.02 -9.95
C GLU A 467 4.11 20.28 -10.80
N ALA A 468 4.18 20.13 -12.13
CA ALA A 468 4.19 21.29 -13.00
C ALA A 468 2.88 22.06 -12.92
N LEU A 469 1.76 21.35 -12.90
CA LEU A 469 0.47 22.03 -12.78
C LEU A 469 0.29 22.64 -11.39
N GLY A 470 0.87 22.03 -10.36
CA GLY A 470 0.80 22.59 -9.02
C GLY A 470 -0.06 21.74 -8.09
N ALA A 471 0.57 21.13 -7.09
CA ALA A 471 -0.14 20.24 -6.17
C ALA A 471 -0.64 21.04 -4.96
N PRO A 472 -1.93 20.95 -4.62
CA PRO A 472 -2.40 21.62 -3.41
C PRO A 472 -1.69 21.09 -2.17
N GLU A 473 -1.60 21.93 -1.15
CA GLU A 473 -0.94 21.57 0.09
C GLU A 473 -1.81 20.60 0.89
N GLN A 478 -0.85 16.51 10.88
CA GLN A 478 -1.14 17.13 12.16
C GLN A 478 -2.04 16.24 13.01
N PRO A 479 -1.49 15.11 13.48
CA PRO A 479 -2.29 14.20 14.30
C PRO A 479 -2.57 14.77 15.68
N TRP A 480 -3.72 14.41 16.22
CA TRP A 480 -4.12 14.89 17.53
C TRP A 480 -3.25 14.24 18.62
N PRO A 481 -3.25 14.82 19.82
CA PRO A 481 -2.48 14.22 20.92
C PRO A 481 -3.01 12.83 21.26
N LEU A 482 -2.09 11.96 21.68
CA LEU A 482 -2.48 10.64 22.14
C LEU A 482 -3.49 10.69 23.28
N PRO A 483 -3.29 11.48 24.34
CA PRO A 483 -4.31 11.51 25.40
C PRO A 483 -5.65 12.05 24.93
N VAL A 484 -5.65 13.07 24.07
CA VAL A 484 -6.91 13.61 23.56
C VAL A 484 -7.65 12.53 22.78
N GLN A 485 -6.95 11.84 21.88
CA GLN A 485 -7.57 10.77 21.12
C GLN A 485 -8.10 9.68 22.04
N MET A 486 -7.33 9.32 23.07
CA MET A 486 -7.75 8.27 23.98
C MET A 486 -9.01 8.67 24.75
N GLU A 487 -9.06 9.90 25.24
CA GLU A 487 -10.25 10.36 25.96
C GLU A 487 -11.46 10.41 25.04
N LEU A 488 -11.27 10.88 23.81
CA LEU A 488 -12.38 10.92 22.86
C LEU A 488 -12.92 9.52 22.60
N GLY A 489 -12.01 8.56 22.37
CA GLY A 489 -12.44 7.19 22.14
C GLY A 489 -13.17 6.59 23.33
N LYS A 490 -12.63 6.82 24.54
CA LYS A 490 -13.30 6.33 25.74
C LYS A 490 -14.69 6.92 25.87
N LEU A 491 -14.81 8.23 25.66
CA LEU A 491 -16.12 8.88 25.75
C LEU A 491 -17.11 8.27 24.76
N LEU A 492 -16.70 8.14 23.50
CA LEU A 492 -17.60 7.59 22.50
C LEU A 492 -17.99 6.15 22.83
N ALA A 493 -17.03 5.34 23.26
CA ALA A 493 -17.33 3.94 23.57
C ALA A 493 -18.28 3.82 24.76
N GLU A 494 -18.05 4.62 25.80
CA GLU A 494 -18.95 4.58 26.95
C GLU A 494 -20.34 5.07 26.58
N MET A 495 -20.42 6.11 25.74
CA MET A 495 -21.71 6.59 25.26
C MET A 495 -22.44 5.48 24.50
N LEU A 496 -21.72 4.75 23.65
CA LEU A 496 -22.33 3.64 22.93
C LEU A 496 -22.85 2.58 23.90
N VAL A 497 -22.00 2.14 24.83
CA VAL A 497 -22.40 1.10 25.77
C VAL A 497 -23.58 1.55 26.60
N GLN A 498 -23.71 2.85 26.86
CA GLN A 498 -24.83 3.35 27.66
C GLN A 498 -26.11 3.41 26.84
N ALA A 499 -26.05 4.02 25.66
CA ALA A 499 -27.24 4.18 24.84
C ALA A 499 -27.70 2.88 24.18
N THR A 500 -26.88 1.83 24.22
CA THR A 500 -27.26 0.56 23.62
C THR A 500 -28.13 -0.22 24.61
N GLN A 501 -29.41 -0.36 24.28
CA GLN A 501 -30.40 -1.05 25.10
C GLN A 501 -31.23 -1.96 24.21
N MET A 502 -31.62 -3.12 24.74
CA MET A 502 -32.37 -4.10 23.96
C MET A 502 -33.38 -4.81 24.86
N PRO A 503 -34.57 -5.14 24.34
CA PRO A 503 -35.53 -5.91 25.15
C PRO A 503 -34.99 -7.27 25.56
N LEU A 515 -35.31 -3.03 29.73
CA LEU A 515 -34.31 -3.03 28.68
C LEU A 515 -32.93 -3.35 29.24
N VAL A 516 -32.31 -4.41 28.73
CA VAL A 516 -31.00 -4.84 29.19
C VAL A 516 -29.93 -4.25 28.28
N PRO A 517 -28.76 -3.87 28.79
CA PRO A 517 -27.71 -3.37 27.91
C PRO A 517 -27.29 -4.40 26.89
N VAL A 518 -26.57 -3.94 25.88
CA VAL A 518 -26.10 -4.82 24.81
C VAL A 518 -24.67 -5.28 25.06
N LEU A 519 -23.75 -4.34 25.31
CA LEU A 519 -22.36 -4.67 25.57
C LEU A 519 -22.14 -4.89 27.06
N TYR A 520 -21.49 -6.00 27.40
CA TYR A 520 -21.17 -6.35 28.77
C TYR A 520 -19.67 -6.31 28.97
N HIS A 521 -19.25 -6.30 30.24
CA HIS A 521 -17.84 -6.31 30.61
C HIS A 521 -17.46 -7.72 31.03
N VAL A 522 -16.76 -8.43 30.16
CA VAL A 522 -16.34 -9.79 30.44
C VAL A 522 -15.04 -9.78 31.24
N GLY A 532 -11.22 -5.90 30.21
CA GLY A 532 -11.97 -4.98 29.38
C GLY A 532 -12.27 -5.55 28.00
N ILE A 533 -13.21 -6.48 27.96
CA ILE A 533 -13.63 -7.13 26.72
C ILE A 533 -15.13 -6.88 26.55
N LEU A 534 -15.49 -6.15 25.49
CA LEU A 534 -16.88 -5.83 25.21
C LEU A 534 -17.45 -6.91 24.29
N LYS A 535 -18.02 -7.93 24.90
CA LYS A 535 -18.65 -9.01 24.14
C LYS A 535 -20.11 -8.66 23.83
N PRO A 536 -20.58 -8.95 22.62
CA PRO A 536 -21.99 -8.67 22.30
C PRO A 536 -22.93 -9.58 23.06
N HIS A 537 -24.21 -9.27 22.96
CA HIS A 537 -25.25 -10.07 23.60
C HIS A 537 -25.46 -11.36 22.82
N PRO A 538 -25.45 -12.53 23.47
CA PRO A 538 -25.80 -13.76 22.73
C PRO A 538 -27.10 -13.65 21.97
N ALA A 539 -28.14 -13.07 22.58
CA ALA A 539 -29.41 -12.89 21.88
C ALA A 539 -29.23 -11.97 20.68
N TYR A 540 -28.40 -10.92 20.81
CA TYR A 540 -28.19 -10.00 19.71
C TYR A 540 -27.52 -10.69 18.54
N VAL A 541 -26.47 -11.48 18.81
CA VAL A 541 -25.78 -12.18 17.72
C VAL A 541 -26.68 -13.23 17.11
N GLN A 542 -27.51 -13.90 17.92
CA GLN A 542 -28.46 -14.86 17.37
C GLN A 542 -29.46 -14.16 16.45
N LEU A 543 -29.94 -12.99 16.86
CA LEU A 543 -30.88 -12.24 16.04
C LEU A 543 -30.22 -11.80 14.73
N LEU A 544 -28.97 -11.35 14.79
CA LEU A 544 -28.27 -10.94 13.58
C LEU A 544 -28.08 -12.13 12.64
N GLU A 545 -27.75 -13.30 13.19
CA GLU A 545 -27.59 -14.49 12.36
C GLU A 545 -28.91 -14.88 11.72
N LYS A 546 -30.00 -14.85 12.48
CA LYS A 546 -31.31 -15.17 11.94
C LYS A 546 -31.69 -14.21 10.82
N ALA A 547 -31.38 -12.92 11.00
CA ALA A 547 -31.68 -11.94 9.97
C ALA A 547 -30.88 -12.21 8.70
N ALA A 548 -29.56 -12.31 8.84
CA ALA A 548 -28.67 -12.63 7.73
C ALA A 548 -28.83 -11.63 6.59
N GLU A 549 -28.52 -10.37 6.90
CA GLU A 549 -28.58 -9.31 5.91
C GLU A 549 -27.57 -9.59 4.81
N PRO A 550 -28.00 -9.69 3.54
CA PRO A 550 -27.01 -10.01 2.49
C PRO A 550 -26.02 -8.90 2.23
N THR A 551 -26.38 -7.65 2.47
CA THR A 551 -25.48 -6.54 2.21
C THR A 551 -24.29 -6.60 3.16
N LEU A 552 -23.11 -6.29 2.62
CA LEU A 552 -21.87 -6.25 3.38
C LEU A 552 -21.24 -4.87 3.23
N THR A 553 -20.71 -4.35 4.33
CA THR A 553 -20.15 -2.99 4.36
C THR A 553 -18.64 -3.04 4.25
N PHE A 554 -18.09 -2.18 3.40
CA PHE A 554 -16.65 -2.05 3.24
C PHE A 554 -16.26 -0.57 3.28
N GLU A 555 -15.00 -0.31 3.61
CA GLU A 555 -14.50 1.05 3.65
C GLU A 555 -14.17 1.54 2.25
N ALA A 556 -14.32 2.85 2.04
CA ALA A 556 -14.03 3.43 0.73
C ALA A 556 -12.58 3.25 0.34
N VAL A 557 -11.68 3.08 1.33
CA VAL A 557 -10.28 2.88 1.03
C VAL A 557 -10.01 1.43 0.65
N ASP A 558 -10.78 0.49 1.20
CA ASP A 558 -10.56 -0.92 0.86
C ASP A 558 -11.03 -1.23 -0.55
N VAL A 559 -12.09 -0.57 -1.00
CA VAL A 559 -12.59 -0.81 -2.36
C VAL A 559 -11.59 -0.24 -3.36
N PRO A 560 -11.21 -0.98 -4.41
CA PRO A 560 -10.30 -0.41 -5.40
C PRO A 560 -10.87 0.85 -6.03
N MET A 561 -9.99 1.80 -6.33
CA MET A 561 -10.42 3.07 -6.89
C MET A 561 -10.92 2.87 -8.32
N LEU A 562 -11.83 3.76 -8.73
CA LEU A 562 -12.39 3.75 -10.08
C LEU A 562 -11.79 4.82 -10.97
N CYS A 563 -10.79 5.55 -10.49
CA CYS A 563 -10.12 6.60 -11.23
C CYS A 563 -8.62 6.48 -11.06
N PRO A 564 -7.83 7.05 -11.95
CA PRO A 564 -6.37 6.98 -11.83
C PRO A 564 -5.91 7.49 -10.49
N PRO A 565 -5.15 6.69 -9.73
CA PRO A 565 -4.66 7.16 -8.43
C PRO A 565 -3.82 8.42 -8.57
N LEU A 566 -3.81 9.22 -7.51
CA LEU A 566 -3.02 10.45 -7.52
C LEU A 566 -1.53 10.10 -7.61
N PRO A 567 -0.77 10.74 -8.49
CA PRO A 567 0.66 10.45 -8.55
C PRO A 567 1.34 10.68 -7.21
N TRP A 568 2.32 9.84 -6.90
CA TRP A 568 3.06 9.92 -5.65
C TRP A 568 4.06 11.07 -5.76
N THR A 569 3.65 12.24 -5.25
CA THR A 569 4.52 13.41 -5.29
C THR A 569 5.47 13.44 -4.10
N SER A 570 5.05 12.91 -2.96
CA SER A 570 5.89 12.84 -1.77
C SER A 570 5.49 11.59 -1.00
N PRO A 571 6.25 11.24 0.04
CA PRO A 571 5.90 10.05 0.83
C PRO A 571 4.48 10.11 1.39
N HIS A 572 3.91 11.31 1.49
CA HIS A 572 2.57 11.50 2.03
C HIS A 572 1.52 11.76 0.95
N SER A 573 1.86 12.53 -0.08
CA SER A 573 0.90 12.93 -1.09
C SER A 573 0.91 11.93 -2.24
N GLY A 574 -0.22 11.24 -2.44
CA GLY A 574 -0.33 10.29 -3.52
C GLY A 574 -1.43 9.27 -3.21
N ALA A 575 -1.64 8.38 -4.19
CA ALA A 575 -2.59 7.30 -4.07
C ALA A 575 -4.02 7.82 -3.93
N PHE A 576 -4.64 7.59 -2.77
CA PHE A 576 -6.04 7.96 -2.60
C PHE A 576 -6.23 9.47 -2.76
N LEU A 577 -7.50 9.86 -2.91
CA LEU A 577 -7.83 11.27 -3.15
C LEU A 577 -7.87 12.06 -1.83
N LEU A 578 -8.90 11.83 -1.02
CA LEU A 578 -9.09 12.59 0.21
C LEU A 578 -8.50 11.89 1.43
N SER A 579 -7.96 10.68 1.28
CA SER A 579 -7.41 9.93 2.40
C SER A 579 -5.90 10.00 2.37
N PRO A 580 -5.23 10.27 3.50
CA PRO A 580 -3.77 10.29 3.50
C PRO A 580 -3.20 8.88 3.44
N THR A 581 -2.31 8.65 2.48
CA THR A 581 -1.71 7.34 2.25
C THR A 581 -0.20 7.47 2.36
N LYS A 582 0.40 6.68 3.25
CA LYS A 582 1.84 6.69 3.42
C LYS A 582 2.51 5.80 2.37
N LEU A 583 3.80 6.05 2.14
CA LEU A 583 4.53 5.28 1.13
C LEU A 583 4.81 3.87 1.62
N MET A 584 5.13 3.70 2.90
CA MET A 584 5.48 2.42 3.47
C MET A 584 4.31 1.89 4.30
N ARG A 585 3.90 0.64 4.01
CA ARG A 585 2.78 0.06 4.72
C ARG A 585 3.15 -0.35 6.13
N THR A 586 4.41 -0.73 6.35
CA THR A 586 4.82 -1.24 7.65
C THR A 586 4.49 -0.25 8.76
N VAL A 587 3.85 -0.76 9.81
CA VAL A 587 3.56 0.04 11.00
C VAL A 587 4.63 -0.11 12.07
N GLU A 588 5.40 -1.20 12.05
CA GLU A 588 6.55 -1.34 12.93
C GLU A 588 7.68 -0.48 12.42
N GLY A 589 8.14 0.46 13.24
CA GLY A 589 9.17 1.38 12.81
C GLY A 589 8.74 2.33 11.71
N ALA A 590 7.44 2.56 11.55
CA ALA A 590 6.97 3.47 10.52
C ALA A 590 7.55 4.86 10.73
N THR A 591 7.66 5.30 11.98
CA THR A 591 8.26 6.61 12.25
C THR A 591 9.70 6.65 11.75
N GLN A 592 10.47 5.59 12.00
CA GLN A 592 11.85 5.54 11.55
C GLN A 592 11.92 5.59 10.02
N HIS A 593 11.11 4.76 9.36
CA HIS A 593 11.12 4.73 7.90
C HIS A 593 10.78 6.10 7.33
N GLN A 594 9.75 6.74 7.88
CA GLN A 594 9.30 8.01 7.32
C GLN A 594 10.31 9.12 7.59
N GLU A 595 10.90 9.16 8.78
CA GLU A 595 11.89 10.20 9.06
C GLU A 595 13.13 10.00 8.22
N LEU A 596 13.52 8.76 7.95
CA LEU A 596 14.65 8.52 7.06
C LEU A 596 14.33 8.95 5.63
N LEU A 597 13.15 8.59 5.14
CA LEU A 597 12.75 8.97 3.78
C LEU A 597 12.66 10.49 3.65
N GLU A 598 12.31 11.18 4.74
CA GLU A 598 12.24 12.64 4.69
C GLU A 598 13.63 13.25 4.76
N THR A 599 14.53 12.64 5.54
CA THR A 599 15.88 13.19 5.68
C THR A 599 16.69 13.04 4.40
N CYS A 600 16.64 11.87 3.76
CA CYS A 600 17.43 11.67 2.56
C CYS A 600 16.98 12.63 1.46
N PRO A 601 17.82 12.89 0.46
CA PRO A 601 17.51 13.91 -0.53
C PRO A 601 16.22 13.61 -1.27
N PRO A 602 15.38 14.62 -1.51
CA PRO A 602 14.11 14.35 -2.22
C PRO A 602 14.31 13.70 -3.58
N THR A 603 15.34 14.13 -4.33
CA THR A 603 15.58 13.56 -5.65
C THR A 603 15.85 12.07 -5.57
N ALA A 604 16.28 11.57 -4.40
CA ALA A 604 16.58 10.15 -4.28
C ALA A 604 15.31 9.31 -4.42
N LEU A 605 14.26 9.67 -3.68
CA LEU A 605 13.04 8.87 -3.68
C LEU A 605 12.22 9.03 -4.95
N HIS A 606 12.50 10.06 -5.75
CA HIS A 606 11.69 10.31 -6.94
C HIS A 606 11.60 9.08 -7.83
N GLY A 607 12.68 8.30 -7.92
CA GLY A 607 12.64 7.09 -8.72
C GLY A 607 11.60 6.11 -8.22
N ALA A 608 11.64 5.80 -6.92
CA ALA A 608 10.68 4.86 -6.35
C ALA A 608 9.25 5.41 -6.44
N LEU A 609 9.08 6.72 -6.25
CA LEU A 609 7.75 7.30 -6.33
C LEU A 609 7.18 7.17 -7.74
N ASP A 610 8.00 7.44 -8.75
CA ASP A 610 7.54 7.29 -10.13
C ASP A 610 7.26 5.82 -10.45
N ALA A 611 8.09 4.90 -9.93
CA ALA A 611 7.83 3.49 -10.14
C ALA A 611 6.50 3.08 -9.54
N LEU A 612 6.21 3.54 -8.33
CA LEU A 612 4.94 3.20 -7.69
C LEU A 612 3.77 3.83 -8.45
N THR A 613 3.91 5.07 -8.90
CA THR A 613 2.85 5.69 -9.70
C THR A 613 2.59 4.90 -10.97
N GLN A 614 3.65 4.42 -11.61
CA GLN A 614 3.49 3.62 -12.82
C GLN A 614 2.79 2.31 -12.51
N LEU A 615 3.23 1.61 -11.46
CA LEU A 615 2.60 0.35 -11.10
C LEU A 615 1.14 0.53 -10.73
N GLY A 616 0.79 1.69 -10.17
CA GLY A 616 -0.58 1.96 -9.78
C GLY A 616 -1.47 2.32 -10.95
N ASN A 617 -0.96 3.15 -11.87
CA ASN A 617 -1.75 3.57 -13.01
C ASN A 617 -1.96 2.42 -14.00
N CYS A 618 -2.69 1.39 -13.58
CA CYS A 618 -3.00 0.25 -14.43
C CYS A 618 -4.46 -0.13 -14.22
N ALA A 619 -5.19 -0.29 -15.32
CA ALA A 619 -6.60 -0.63 -15.24
C ALA A 619 -6.77 -2.14 -15.12
N TRP A 620 -7.74 -2.55 -14.30
CA TRP A 620 -8.05 -3.95 -14.08
C TRP A 620 -9.55 -4.16 -14.17
N ARG A 621 -9.94 -5.37 -14.58
CA ARG A 621 -11.33 -5.77 -14.61
C ARG A 621 -11.42 -7.27 -14.34
N VAL A 622 -12.53 -7.68 -13.75
CA VAL A 622 -12.75 -9.08 -13.42
C VAL A 622 -13.24 -9.81 -14.66
N ASN A 623 -12.76 -11.04 -14.85
CA ASN A 623 -13.16 -11.85 -15.99
C ASN A 623 -14.53 -12.46 -15.70
N GLY A 624 -15.52 -12.13 -16.54
CA GLY A 624 -16.89 -12.51 -16.25
C GLY A 624 -17.08 -14.01 -16.21
N ARG A 625 -16.52 -14.73 -17.19
CA ARG A 625 -16.74 -16.18 -17.26
C ARG A 625 -16.12 -16.88 -16.06
N VAL A 626 -14.87 -16.57 -15.74
CA VAL A 626 -14.20 -17.21 -14.62
C VAL A 626 -14.89 -16.85 -13.31
N LEU A 627 -15.34 -15.60 -13.18
CA LEU A 627 -16.05 -15.20 -11.98
C LEU A 627 -17.35 -15.99 -11.83
N ASP A 628 -18.10 -16.14 -12.92
CA ASP A 628 -19.34 -16.89 -12.87
C ASP A 628 -19.09 -18.35 -12.50
N LEU A 629 -18.03 -18.95 -13.08
CA LEU A 629 -17.73 -20.34 -12.78
C LEU A 629 -17.34 -20.51 -11.30
N VAL A 630 -16.48 -19.62 -10.80
CA VAL A 630 -16.06 -19.70 -9.40
C VAL A 630 -17.26 -19.50 -8.48
N LEU A 631 -18.18 -18.60 -8.85
CA LEU A 631 -19.36 -18.38 -8.02
C LEU A 631 -20.26 -19.60 -8.03
N GLN A 632 -20.47 -20.20 -9.20
CA GLN A 632 -21.29 -21.41 -9.27
C GLN A 632 -20.69 -22.52 -8.43
N LEU A 633 -19.36 -22.67 -8.45
CA LEU A 633 -18.72 -23.70 -7.65
C LEU A 633 -18.82 -23.38 -6.16
N PHE A 634 -18.66 -22.11 -5.80
CA PHE A 634 -18.67 -21.72 -4.39
C PHE A 634 -20.07 -21.90 -3.79
N GLN A 635 -21.11 -21.57 -4.56
CA GLN A 635 -22.47 -21.71 -4.05
C GLN A 635 -22.93 -23.17 -4.05
N ALA A 636 -22.38 -23.99 -4.94
CA ALA A 636 -22.78 -25.39 -5.04
C ALA A 636 -21.85 -26.29 -4.22
N LYS A 637 -21.82 -26.02 -2.91
CA LYS A 637 -21.09 -26.79 -1.91
C LYS A 637 -19.58 -26.61 -2.01
N GLY A 638 -19.08 -25.84 -2.97
CA GLY A 638 -17.66 -25.61 -3.11
C GLY A 638 -16.94 -26.80 -3.74
N CYS A 639 -15.69 -26.54 -4.15
CA CYS A 639 -14.84 -27.55 -4.77
C CYS A 639 -13.41 -27.34 -4.27
N PRO A 640 -13.06 -27.95 -3.13
CA PRO A 640 -11.70 -27.75 -2.61
C PRO A 640 -10.61 -28.11 -3.60
N GLN A 641 -10.84 -29.12 -4.44
CA GLN A 641 -9.82 -29.53 -5.41
C GLN A 641 -9.36 -28.35 -6.25
N LEU A 642 -10.30 -27.61 -6.82
CA LEU A 642 -9.97 -26.45 -7.65
C LEU A 642 -9.58 -25.22 -6.82
N GLY A 643 -9.76 -25.26 -5.50
CA GLY A 643 -9.41 -24.17 -4.62
C GLY A 643 -10.61 -23.42 -4.07
N VAL A 644 -11.77 -23.54 -4.70
CA VAL A 644 -12.98 -22.86 -4.24
C VAL A 644 -13.36 -23.41 -2.88
N PRO A 645 -13.43 -22.58 -1.83
CA PRO A 645 -13.79 -23.10 -0.51
C PRO A 645 -15.17 -23.76 -0.51
N ALA A 646 -15.40 -24.59 0.50
CA ALA A 646 -16.65 -25.29 0.69
C ALA A 646 -17.16 -25.06 2.11
N PRO A 647 -18.48 -24.99 2.31
CA PRO A 647 -19.01 -24.76 3.66
C PRO A 647 -18.94 -26.00 4.54
N GLU A 684 -10.16 -22.07 10.34
CA GLU A 684 -9.97 -23.18 9.40
C GLU A 684 -10.78 -22.93 8.14
N MET A 685 -11.46 -23.96 7.63
CA MET A 685 -12.23 -23.81 6.40
C MET A 685 -13.30 -22.74 6.55
N HIS A 686 -13.89 -22.62 7.74
CA HIS A 686 -14.91 -21.60 7.95
C HIS A 686 -14.34 -20.20 7.76
N SER A 687 -13.11 -19.98 8.22
CA SER A 687 -12.46 -18.69 8.00
C SER A 687 -12.15 -18.49 6.53
N LEU A 688 -11.63 -19.52 5.86
CA LEU A 688 -11.35 -19.41 4.44
C LEU A 688 -12.61 -19.07 3.65
N ARG A 689 -13.75 -19.64 4.04
CA ARG A 689 -14.99 -19.34 3.35
C ARG A 689 -15.44 -17.90 3.61
N ALA A 690 -15.29 -17.44 4.85
CA ALA A 690 -15.64 -16.06 5.17
C ALA A 690 -14.81 -15.07 4.36
N GLU A 691 -13.50 -15.31 4.29
CA GLU A 691 -12.64 -14.43 3.50
C GLU A 691 -13.01 -14.49 2.02
N ALA A 692 -13.16 -15.69 1.47
CA ALA A 692 -13.52 -15.82 0.06
C ALA A 692 -14.82 -15.08 -0.25
N LEU A 693 -15.76 -15.08 0.69
CA LEU A 693 -17.02 -14.37 0.48
C LEU A 693 -16.78 -12.87 0.33
N TYR A 694 -15.85 -12.32 1.12
CA TYR A 694 -15.54 -10.90 1.00
C TYR A 694 -14.94 -10.57 -0.35
N ARG A 695 -13.98 -11.38 -0.81
CA ARG A 695 -13.33 -11.11 -2.08
C ARG A 695 -14.28 -11.31 -3.25
N LEU A 696 -14.97 -12.46 -3.28
CA LEU A 696 -15.90 -12.72 -4.37
C LEU A 696 -17.03 -11.70 -4.41
N SER A 697 -17.50 -11.26 -3.24
CA SER A 697 -18.52 -10.22 -3.21
C SER A 697 -18.00 -8.93 -3.82
N LEU A 698 -16.76 -8.56 -3.52
CA LEU A 698 -16.18 -7.38 -4.14
C LEU A 698 -15.99 -7.58 -5.64
N ALA A 699 -15.66 -8.81 -6.05
CA ALA A 699 -15.50 -9.08 -7.48
C ALA A 699 -16.81 -8.86 -8.23
N GLN A 700 -17.92 -9.33 -7.66
CA GLN A 700 -19.22 -9.10 -8.31
C GLN A 700 -19.53 -7.61 -8.40
N HIS A 701 -19.14 -6.84 -7.38
CA HIS A 701 -19.35 -5.40 -7.43
C HIS A 701 -18.61 -4.77 -8.61
N LEU A 702 -17.39 -5.25 -8.88
CA LEU A 702 -16.55 -4.69 -9.93
C LEU A 702 -16.66 -5.48 -11.24
N ARG A 703 -17.81 -6.12 -11.46
CA ARG A 703 -17.97 -6.95 -12.67
C ARG A 703 -17.84 -6.11 -13.93
N ASP A 704 -18.59 -5.01 -14.02
CA ASP A 704 -18.71 -4.25 -15.25
C ASP A 704 -18.03 -2.88 -15.17
N ARG A 705 -17.15 -2.67 -14.18
CA ARG A 705 -16.44 -1.41 -14.03
C ARG A 705 -14.96 -1.69 -13.84
N VAL A 706 -14.12 -0.98 -14.59
CA VAL A 706 -12.68 -1.08 -14.43
C VAL A 706 -12.25 -0.33 -13.18
N PHE A 707 -11.15 -0.77 -12.59
CA PHE A 707 -10.65 -0.18 -11.35
C PHE A 707 -9.13 -0.04 -11.44
N TRP A 708 -8.57 0.67 -10.46
CA TRP A 708 -7.14 0.89 -10.36
C TRP A 708 -6.65 0.48 -8.98
N LEU A 709 -5.43 -0.06 -8.92
CA LEU A 709 -4.87 -0.57 -7.68
C LEU A 709 -3.70 0.30 -7.24
N PRO A 710 -3.88 1.18 -6.24
CA PRO A 710 -2.72 1.92 -5.73
C PRO A 710 -1.77 1.01 -4.99
N HIS A 711 -0.47 1.25 -5.14
CA HIS A 711 0.57 0.39 -4.58
C HIS A 711 1.43 1.18 -3.60
N ASN A 712 1.76 0.54 -2.49
CA ASN A 712 2.67 1.07 -1.50
C ASN A 712 3.89 0.15 -1.41
N MET A 713 4.83 0.50 -0.54
CA MET A 713 6.07 -0.24 -0.38
C MET A 713 6.19 -0.78 1.03
N ASP A 714 7.20 -1.63 1.23
CA ASP A 714 7.59 -2.12 2.53
C ASP A 714 9.02 -1.69 2.82
N PHE A 715 9.47 -1.90 4.05
CA PHE A 715 10.84 -1.52 4.40
C PHE A 715 11.86 -2.24 3.55
N ARG A 716 11.51 -3.42 3.03
CA ARG A 716 12.42 -4.15 2.15
C ARG A 716 12.44 -3.58 0.74
N GLY A 717 11.32 -3.01 0.29
CA GLY A 717 11.20 -2.49 -1.06
C GLY A 717 10.21 -3.21 -1.93
N ARG A 718 9.59 -4.28 -1.44
CA ARG A 718 8.61 -5.03 -2.22
C ARG A 718 7.30 -4.27 -2.25
N THR A 719 6.78 -4.02 -3.45
CA THR A 719 5.54 -3.29 -3.61
C THR A 719 4.35 -4.21 -3.31
N TYR A 720 3.29 -3.62 -2.73
CA TYR A 720 2.09 -4.33 -2.37
C TYR A 720 0.88 -3.45 -2.62
N PRO A 721 -0.23 -4.01 -3.12
CA PRO A 721 -1.43 -3.19 -3.30
C PRO A 721 -1.93 -2.65 -1.96
N CYS A 722 -2.48 -1.44 -1.99
CA CYS A 722 -2.97 -0.82 -0.76
C CYS A 722 -4.18 -1.55 -0.20
N PRO A 723 -5.18 -1.92 -1.00
CA PRO A 723 -6.37 -2.59 -0.44
C PRO A 723 -5.98 -3.85 0.31
N PRO A 724 -6.51 -4.07 1.51
CA PRO A 724 -6.16 -5.29 2.24
C PRO A 724 -6.82 -6.54 1.67
N HIS A 725 -7.95 -6.40 0.97
CA HIS A 725 -8.62 -7.55 0.39
C HIS A 725 -7.85 -8.15 -0.77
N PHE A 726 -6.96 -7.39 -1.39
CA PHE A 726 -6.14 -7.87 -2.51
C PHE A 726 -4.82 -8.45 -2.04
N ASN A 727 -4.71 -8.85 -0.78
CA ASN A 727 -3.46 -9.41 -0.29
C ASN A 727 -3.18 -10.78 -0.88
N HIS A 728 -4.22 -11.60 -1.03
CA HIS A 728 -4.07 -12.96 -1.57
C HIS A 728 -4.12 -12.91 -3.09
N LEU A 729 -3.02 -12.41 -3.67
CA LEU A 729 -2.87 -12.33 -5.12
C LEU A 729 -2.14 -13.53 -5.70
N GLY A 730 -1.52 -14.37 -4.87
CA GLY A 730 -0.86 -15.57 -5.37
C GLY A 730 -1.80 -16.71 -5.72
N SER A 731 -3.03 -16.64 -5.24
CA SER A 731 -3.99 -17.71 -5.52
C SER A 731 -4.32 -17.74 -7.01
N ASP A 732 -4.47 -18.96 -7.54
CA ASP A 732 -4.83 -19.11 -8.95
C ASP A 732 -6.19 -18.49 -9.23
N VAL A 733 -7.11 -18.55 -8.27
CA VAL A 733 -8.44 -17.95 -8.48
C VAL A 733 -8.30 -16.46 -8.73
N ALA A 734 -7.61 -15.76 -7.83
CA ALA A 734 -7.42 -14.32 -8.00
C ALA A 734 -6.62 -14.02 -9.26
N ARG A 735 -5.63 -14.86 -9.57
CA ARG A 735 -4.80 -14.62 -10.75
C ARG A 735 -5.63 -14.73 -12.03
N ALA A 736 -6.60 -15.64 -12.06
CA ALA A 736 -7.44 -15.79 -13.23
C ALA A 736 -8.57 -14.77 -13.28
N LEU A 737 -9.00 -14.28 -12.11
CA LEU A 737 -10.11 -13.32 -12.09
C LEU A 737 -9.71 -12.00 -12.74
N LEU A 738 -8.54 -11.46 -12.37
CA LEU A 738 -8.12 -10.16 -12.85
C LEU A 738 -7.64 -10.23 -14.29
N GLU A 739 -7.84 -9.13 -15.02
CA GLU A 739 -7.28 -9.00 -16.36
C GLU A 739 -7.15 -7.52 -16.69
N PHE A 740 -6.15 -7.20 -17.50
CA PHE A 740 -5.92 -5.81 -17.89
C PHE A 740 -7.11 -5.30 -18.69
N ALA A 741 -7.77 -4.26 -18.16
CA ALA A 741 -8.91 -3.70 -18.87
C ALA A 741 -8.55 -3.29 -20.28
N GLN A 742 -7.36 -2.72 -20.48
CA GLN A 742 -6.89 -2.38 -21.81
C GLN A 742 -6.31 -3.62 -22.47
N GLY A 743 -6.68 -3.85 -23.72
CA GLY A 743 -6.19 -4.98 -24.47
C GLY A 743 -5.49 -4.52 -25.74
N ARG A 744 -4.43 -5.22 -26.12
CA ARG A 744 -3.62 -4.88 -27.27
C ARG A 744 -3.63 -5.98 -28.31
N PRO A 745 -3.35 -5.66 -29.57
CA PRO A 745 -3.31 -6.72 -30.60
C PRO A 745 -2.21 -7.73 -30.30
N LEU A 746 -2.51 -9.00 -30.52
CA LEU A 746 -1.56 -10.06 -30.23
C LEU A 746 -0.29 -9.89 -31.06
N GLY A 747 -0.42 -9.53 -32.32
CA GLY A 747 0.72 -9.35 -33.19
C GLY A 747 1.19 -10.66 -33.79
N PRO A 748 2.43 -10.69 -34.29
CA PRO A 748 2.94 -11.92 -34.91
C PRO A 748 3.19 -13.05 -33.91
N HIS A 749 3.94 -12.76 -32.86
CA HIS A 749 4.29 -13.77 -31.86
C HIS A 749 3.35 -13.78 -30.67
N GLY A 750 2.25 -13.04 -30.72
CA GLY A 750 1.32 -13.02 -29.60
C GLY A 750 0.71 -14.38 -29.33
N LEU A 751 0.26 -15.06 -30.39
CA LEU A 751 -0.34 -16.38 -30.21
C LEU A 751 0.70 -17.39 -29.71
N ASP A 752 1.91 -17.34 -30.24
CA ASP A 752 2.95 -18.23 -29.78
C ASP A 752 3.25 -18.01 -28.30
N TRP A 753 3.34 -16.75 -27.89
CA TRP A 753 3.60 -16.46 -26.47
C TRP A 753 2.43 -16.91 -25.60
N LEU A 754 1.20 -16.74 -26.08
CA LEU A 754 0.05 -17.21 -25.32
C LEU A 754 0.09 -18.72 -25.14
N LYS A 755 0.41 -19.45 -26.20
CA LYS A 755 0.51 -20.90 -26.10
C LYS A 755 1.63 -21.32 -25.17
N ILE A 756 2.78 -20.64 -25.24
CA ILE A 756 3.88 -20.98 -24.35
C ILE A 756 3.50 -20.71 -22.89
N HIS A 757 2.77 -19.62 -22.65
CA HIS A 757 2.33 -19.32 -21.29
C HIS A 757 1.34 -20.36 -20.80
N LEU A 758 0.42 -20.80 -21.66
CA LEU A 758 -0.50 -21.87 -21.29
C LEU A 758 0.27 -23.14 -20.94
N VAL A 759 1.30 -23.46 -21.72
CA VAL A 759 2.09 -24.66 -21.44
C VAL A 759 2.82 -24.53 -20.11
N ASN A 760 3.40 -23.36 -19.84
CA ASN A 760 4.06 -23.15 -18.56
C ASN A 760 3.08 -23.30 -17.40
N LEU A 761 1.88 -22.76 -17.56
CA LEU A 761 0.88 -22.89 -16.49
C LEU A 761 0.52 -24.35 -16.27
N THR A 762 0.30 -25.10 -17.36
CA THR A 762 0.01 -26.52 -17.22
C THR A 762 1.14 -27.24 -16.50
N GLY A 763 2.38 -26.85 -16.79
CA GLY A 763 3.54 -27.45 -16.14
C GLY A 763 3.91 -28.83 -16.61
N LEU A 764 3.23 -29.36 -17.63
CA LEU A 764 3.55 -30.70 -18.11
C LEU A 764 4.95 -30.75 -18.71
N LYS A 765 5.36 -29.68 -19.40
CA LYS A 765 6.65 -29.62 -20.07
C LYS A 765 7.42 -28.42 -19.50
N LYS A 766 8.16 -28.67 -18.42
CA LYS A 766 8.97 -27.64 -17.78
C LYS A 766 10.40 -27.61 -18.30
N ARG A 767 10.99 -28.78 -18.52
CA ARG A 767 12.38 -28.85 -18.99
C ARG A 767 12.50 -28.61 -20.49
N GLU A 768 11.41 -28.74 -21.23
CA GLU A 768 11.48 -28.57 -22.68
C GLU A 768 11.67 -27.10 -23.04
N PRO A 769 12.22 -26.81 -24.22
CA PRO A 769 12.41 -25.43 -24.65
C PRO A 769 11.12 -24.84 -25.22
N LEU A 770 11.24 -23.61 -25.72
CA LEU A 770 10.07 -22.90 -26.23
C LEU A 770 9.48 -23.59 -27.45
N ARG A 771 10.34 -24.09 -28.35
CA ARG A 771 9.84 -24.74 -29.56
C ARG A 771 9.03 -25.98 -29.21
N LYS A 772 9.55 -26.82 -28.31
CA LYS A 772 8.82 -28.03 -27.94
C LYS A 772 7.58 -27.70 -27.12
N ARG A 773 7.63 -26.62 -26.32
CA ARG A 773 6.42 -26.20 -25.61
C ARG A 773 5.34 -25.79 -26.58
N LEU A 774 5.70 -25.03 -27.62
CA LEU A 774 4.73 -24.63 -28.63
C LEU A 774 4.21 -25.85 -29.40
N ALA A 775 5.09 -26.82 -29.67
CA ALA A 775 4.66 -28.05 -30.32
C ALA A 775 3.64 -28.78 -29.48
N PHE A 776 3.91 -28.91 -28.17
CA PHE A 776 2.95 -29.57 -27.28
C PHE A 776 1.64 -28.81 -27.23
N ALA A 777 1.70 -27.48 -27.20
CA ALA A 777 0.49 -26.67 -27.21
C ALA A 777 -0.34 -26.96 -28.46
N GLU A 778 0.30 -26.97 -29.63
CA GLU A 778 -0.41 -27.30 -30.86
C GLU A 778 -0.94 -28.73 -30.82
N GLU A 779 -0.25 -29.63 -30.11
CA GLU A 779 -0.71 -31.01 -30.02
C GLU A 779 -1.99 -31.12 -29.20
N VAL A 780 -2.05 -30.42 -28.06
CA VAL A 780 -3.20 -30.50 -27.17
C VAL A 780 -4.22 -29.44 -27.55
N MET A 781 -4.24 -29.05 -28.83
CA MET A 781 -5.16 -28.01 -29.27
C MET A 781 -6.61 -28.46 -29.17
N ASP A 782 -6.88 -29.73 -29.47
CA ASP A 782 -8.25 -30.23 -29.38
C ASP A 782 -8.77 -30.14 -27.95
N ASP A 783 -7.97 -30.61 -26.99
CA ASP A 783 -8.39 -30.53 -25.59
C ASP A 783 -8.50 -29.08 -25.14
N ILE A 784 -7.61 -28.21 -25.61
CA ILE A 784 -7.70 -26.79 -25.25
C ILE A 784 -9.02 -26.20 -25.74
N LEU A 785 -9.39 -26.49 -26.98
CA LEU A 785 -10.64 -25.96 -27.52
C LEU A 785 -11.84 -26.57 -26.79
N ASP A 786 -11.78 -27.86 -26.47
CA ASP A 786 -12.87 -28.47 -25.71
C ASP A 786 -13.04 -27.80 -24.35
N SER A 787 -11.93 -27.50 -23.68
CA SER A 787 -12.00 -26.82 -22.39
C SER A 787 -12.56 -25.41 -22.56
N ALA A 788 -12.16 -24.71 -23.61
CA ALA A 788 -12.64 -23.35 -23.83
C ALA A 788 -14.14 -23.34 -24.12
N ASP A 789 -14.63 -24.37 -24.82
CA ASP A 789 -16.05 -24.41 -25.19
C ASP A 789 -16.92 -24.87 -24.02
N GLN A 790 -16.63 -26.04 -23.47
CA GLN A 790 -17.43 -26.65 -22.42
C GLN A 790 -16.54 -26.94 -21.21
N PRO A 791 -16.32 -25.95 -20.34
CA PRO A 791 -15.44 -26.17 -19.19
C PRO A 791 -16.01 -27.15 -18.18
N LEU A 792 -17.24 -26.88 -17.72
CA LEU A 792 -17.80 -27.69 -16.63
C LEU A 792 -18.11 -29.11 -17.10
N THR A 793 -18.73 -29.26 -18.27
CA THR A 793 -19.11 -30.57 -18.79
C THR A 793 -18.20 -30.89 -19.97
N GLY A 794 -17.32 -31.87 -19.78
CA GLY A 794 -16.40 -32.26 -20.83
C GLY A 794 -15.25 -33.08 -20.25
N ARG A 795 -14.14 -33.09 -20.99
CA ARG A 795 -12.97 -33.86 -20.58
C ARG A 795 -12.28 -33.25 -19.37
N LYS A 796 -12.50 -31.96 -19.10
CA LYS A 796 -11.91 -31.30 -17.94
C LYS A 796 -10.38 -31.36 -17.97
N TRP A 797 -9.81 -31.23 -19.16
CA TRP A 797 -8.35 -31.27 -19.29
C TRP A 797 -7.70 -30.23 -18.38
N TRP A 798 -8.24 -29.02 -18.35
CA TRP A 798 -7.70 -27.99 -17.47
C TRP A 798 -7.63 -28.47 -16.03
N MET A 799 -8.65 -29.20 -15.58
CA MET A 799 -8.67 -29.67 -14.19
C MET A 799 -7.42 -30.48 -13.87
N GLY A 800 -6.81 -31.10 -14.87
CA GLY A 800 -5.58 -31.85 -14.66
C GLY A 800 -4.35 -31.01 -14.88
N ALA A 801 -4.37 -29.76 -14.41
CA ALA A 801 -3.26 -28.84 -14.54
C ALA A 801 -2.87 -28.31 -13.17
N GLU A 802 -1.66 -27.74 -13.10
CA GLU A 802 -1.18 -27.17 -11.84
C GLU A 802 -2.07 -26.01 -11.41
N GLU A 803 -2.21 -25.01 -12.26
CA GLU A 803 -3.08 -23.87 -12.00
C GLU A 803 -4.35 -24.02 -12.84
N PRO A 804 -5.40 -24.66 -12.31
CA PRO A 804 -6.57 -24.95 -13.15
C PRO A 804 -7.27 -23.71 -13.69
N TRP A 805 -7.48 -22.70 -12.84
CA TRP A 805 -8.23 -21.53 -13.29
C TRP A 805 -7.43 -20.72 -14.31
N GLN A 806 -6.14 -20.52 -14.07
CA GLN A 806 -5.32 -19.81 -15.04
C GLN A 806 -5.22 -20.59 -16.35
N THR A 807 -5.12 -21.92 -16.26
CA THR A 807 -5.09 -22.73 -17.47
C THR A 807 -6.38 -22.59 -18.26
N LEU A 808 -7.53 -22.61 -17.56
CA LEU A 808 -8.81 -22.44 -18.22
C LEU A 808 -8.92 -21.07 -18.88
N ALA A 809 -8.45 -20.02 -18.19
CA ALA A 809 -8.48 -18.68 -18.77
C ALA A 809 -7.63 -18.62 -20.03
N CYS A 810 -6.44 -19.21 -19.99
CA CYS A 810 -5.58 -19.21 -21.16
C CYS A 810 -6.20 -20.01 -22.30
N CYS A 811 -6.89 -21.10 -21.98
CA CYS A 811 -7.58 -21.87 -23.00
C CYS A 811 -8.66 -21.03 -23.66
N MET A 812 -9.49 -20.34 -22.86
CA MET A 812 -10.48 -19.44 -23.42
C MET A 812 -9.84 -18.40 -24.32
N GLU A 813 -8.72 -17.83 -23.88
CA GLU A 813 -8.09 -16.76 -24.64
C GLU A 813 -7.57 -17.26 -25.98
N VAL A 814 -6.84 -18.37 -25.97
CA VAL A 814 -6.31 -18.90 -27.22
C VAL A 814 -7.44 -19.35 -28.13
N ALA A 815 -8.54 -19.86 -27.56
CA ALA A 815 -9.69 -20.23 -28.38
C ALA A 815 -10.27 -19.01 -29.08
N ASN A 816 -10.57 -17.96 -28.31
CA ASN A 816 -11.11 -16.74 -28.92
C ASN A 816 -10.14 -16.14 -29.93
N ALA A 817 -8.84 -16.35 -29.74
CA ALA A 817 -7.86 -15.80 -30.67
C ALA A 817 -7.85 -16.58 -31.98
N VAL A 818 -7.81 -17.90 -31.91
CA VAL A 818 -7.74 -18.72 -33.12
C VAL A 818 -9.08 -18.80 -33.84
N ARG A 819 -10.19 -18.51 -33.16
CA ARG A 819 -11.50 -18.57 -33.80
C ARG A 819 -11.77 -17.38 -34.70
N ALA A 820 -11.05 -16.27 -34.51
CA ALA A 820 -11.27 -15.09 -35.32
C ALA A 820 -10.67 -15.29 -36.72
N SER A 821 -11.02 -14.37 -37.62
CA SER A 821 -10.51 -14.44 -38.99
C SER A 821 -9.00 -14.30 -39.01
N ASP A 822 -8.47 -13.25 -38.37
CA ASP A 822 -7.04 -13.01 -38.31
C ASP A 822 -6.58 -13.13 -36.86
N PRO A 823 -5.88 -14.20 -36.47
CA PRO A 823 -5.47 -14.34 -35.06
C PRO A 823 -4.67 -13.15 -34.56
N ALA A 824 -3.81 -12.57 -35.40
CA ALA A 824 -3.03 -11.42 -34.98
C ALA A 824 -3.91 -10.21 -34.70
N ALA A 825 -5.03 -10.07 -35.43
CA ALA A 825 -5.90 -8.92 -35.22
C ALA A 825 -6.64 -9.01 -33.90
N TYR A 826 -6.85 -10.22 -33.37
CA TYR A 826 -7.54 -10.37 -32.11
C TYR A 826 -6.84 -9.61 -31.00
N VAL A 827 -7.60 -8.88 -30.20
CA VAL A 827 -7.06 -8.09 -29.10
C VAL A 827 -7.08 -8.94 -27.84
N SER A 828 -5.94 -9.02 -27.17
CA SER A 828 -5.80 -9.76 -25.92
C SER A 828 -5.86 -8.82 -24.74
N HIS A 829 -6.49 -9.29 -23.66
CA HIS A 829 -6.58 -8.55 -22.41
C HIS A 829 -6.03 -9.36 -21.24
N LEU A 830 -5.33 -10.47 -21.52
CA LEU A 830 -4.89 -11.39 -20.49
C LEU A 830 -3.48 -11.07 -20.06
N PRO A 831 -3.16 -11.08 -18.77
CA PRO A 831 -1.78 -10.85 -18.33
C PRO A 831 -0.93 -12.09 -18.49
N VAL A 832 0.19 -11.95 -19.20
CA VAL A 832 1.18 -13.01 -19.35
C VAL A 832 2.25 -12.78 -18.29
N HIS A 833 2.54 -13.82 -17.52
CA HIS A 833 3.49 -13.74 -16.41
C HIS A 833 4.83 -14.31 -16.84
N GLN A 834 5.91 -13.67 -16.40
CA GLN A 834 7.27 -14.16 -16.60
C GLN A 834 8.01 -14.06 -15.28
N ASP A 835 8.78 -15.09 -14.95
CA ASP A 835 9.54 -15.15 -13.71
C ASP A 835 10.90 -15.77 -13.96
N GLY A 836 11.87 -15.38 -13.13
CA GLY A 836 13.18 -15.97 -13.14
C GLY A 836 13.31 -16.99 -12.02
N SER A 837 13.76 -18.19 -12.38
CA SER A 837 13.87 -19.27 -11.40
C SER A 837 14.70 -18.83 -10.22
N CYS A 838 14.03 -18.52 -9.10
CA CYS A 838 14.70 -18.05 -7.90
C CYS A 838 15.48 -16.78 -8.17
N ASN A 839 14.78 -15.65 -8.20
CA ASN A 839 15.46 -14.36 -8.42
C ASN A 839 16.52 -14.10 -7.36
N GLY A 840 16.32 -14.63 -6.16
CA GLY A 840 17.33 -14.45 -5.12
C GLY A 840 18.66 -15.11 -5.48
N LEU A 841 18.61 -16.37 -5.89
CA LEU A 841 19.81 -17.04 -6.33
C LEU A 841 20.37 -16.39 -7.60
N GLN A 842 19.50 -15.89 -8.47
CA GLN A 842 19.97 -15.16 -9.65
C GLN A 842 20.82 -13.96 -9.24
N HIS A 843 20.31 -13.14 -8.31
CA HIS A 843 21.05 -11.97 -7.85
C HIS A 843 22.33 -12.39 -7.13
N TYR A 844 22.27 -13.47 -6.34
CA TYR A 844 23.46 -13.95 -5.65
C TYR A 844 24.55 -14.33 -6.66
N ALA A 845 24.18 -15.09 -7.69
CA ALA A 845 25.16 -15.49 -8.70
C ALA A 845 25.69 -14.29 -9.45
N ALA A 846 24.82 -13.32 -9.75
CA ALA A 846 25.28 -12.12 -10.45
C ALA A 846 26.29 -11.35 -9.61
N LEU A 847 26.06 -11.24 -8.30
CA LEU A 847 26.99 -10.55 -7.43
C LEU A 847 28.30 -11.33 -7.30
N GLY A 848 28.22 -12.66 -7.22
CA GLY A 848 29.41 -13.48 -7.07
C GLY A 848 30.11 -13.82 -8.36
N ARG A 849 29.47 -13.60 -9.50
CA ARG A 849 30.06 -13.92 -10.81
C ARG A 849 30.46 -15.39 -10.88
N ASP A 850 29.74 -16.25 -10.17
CA ASP A 850 30.04 -17.67 -10.14
C ASP A 850 29.52 -18.32 -11.41
N SER A 851 30.41 -18.96 -12.16
CA SER A 851 30.00 -19.58 -13.43
C SER A 851 29.08 -20.78 -13.19
N VAL A 852 29.41 -21.62 -12.21
CA VAL A 852 28.57 -22.77 -11.92
C VAL A 852 27.18 -22.32 -11.49
N GLY A 853 27.11 -21.31 -10.61
CA GLY A 853 25.81 -20.82 -10.18
C GLY A 853 25.03 -20.17 -11.31
N ALA A 854 25.72 -19.43 -12.17
CA ALA A 854 25.04 -18.81 -13.31
C ALA A 854 24.48 -19.86 -14.25
N ALA A 855 25.23 -20.94 -14.48
CA ALA A 855 24.72 -22.02 -15.32
C ALA A 855 23.58 -22.77 -14.64
N SER A 856 23.62 -22.88 -13.32
CA SER A 856 22.56 -23.59 -12.61
C SER A 856 21.25 -22.79 -12.64
N VAL A 857 21.31 -21.50 -12.36
CA VAL A 857 20.11 -20.66 -12.33
C VAL A 857 19.85 -20.09 -13.71
N ASN A 858 20.50 -20.65 -14.73
CA ASN A 858 20.24 -20.33 -16.13
C ASN A 858 20.63 -18.90 -16.49
N LEU A 859 21.61 -18.33 -15.80
CA LEU A 859 22.09 -16.99 -16.16
C LEU A 859 22.85 -17.02 -17.49
N GLU A 860 23.57 -18.11 -17.75
CA GLU A 860 24.33 -18.23 -18.98
C GLU A 860 23.44 -18.72 -20.12
N PRO A 861 23.73 -18.32 -21.36
CA PRO A 861 22.94 -18.80 -22.49
C PRO A 861 22.95 -20.32 -22.58
N SER A 862 21.80 -20.90 -22.91
CA SER A 862 21.69 -22.34 -23.06
C SER A 862 20.45 -22.64 -23.89
N ASP A 863 20.55 -23.65 -24.76
CA ASP A 863 19.42 -24.00 -25.61
C ASP A 863 18.31 -24.65 -24.80
N VAL A 864 18.66 -25.37 -23.75
CA VAL A 864 17.67 -26.02 -22.89
C VAL A 864 17.70 -25.37 -21.51
N PRO A 865 16.56 -25.10 -20.88
CA PRO A 865 16.59 -24.50 -19.56
C PRO A 865 16.98 -25.50 -18.49
N GLN A 866 17.72 -25.01 -17.50
CA GLN A 866 18.18 -25.82 -16.37
C GLN A 866 17.40 -25.46 -15.12
N ASP A 867 17.00 -26.47 -14.36
CA ASP A 867 16.17 -26.29 -13.16
C ASP A 867 17.08 -26.38 -11.94
N VAL A 868 17.44 -25.21 -11.39
CA VAL A 868 18.14 -25.19 -10.12
C VAL A 868 17.33 -25.91 -9.06
N TYR A 869 16.00 -25.84 -9.15
CA TYR A 869 15.16 -26.59 -8.22
C TYR A 869 15.41 -28.09 -8.34
N SER A 870 15.49 -28.60 -9.56
CA SER A 870 15.76 -30.03 -9.75
C SER A 870 17.17 -30.38 -9.28
N GLY A 871 18.14 -29.51 -9.52
CA GLY A 871 19.49 -29.77 -9.02
C GLY A 871 19.54 -29.87 -7.51
N VAL A 872 18.93 -28.90 -6.83
CA VAL A 872 18.90 -28.95 -5.37
C VAL A 872 18.07 -30.14 -4.89
N ALA A 873 17.06 -30.55 -5.67
CA ALA A 873 16.29 -31.74 -5.31
C ALA A 873 17.17 -32.98 -5.33
N ALA A 874 17.96 -33.14 -6.40
CA ALA A 874 18.88 -34.27 -6.47
C ALA A 874 19.89 -34.23 -5.33
N GLN A 875 20.41 -33.02 -5.03
CA GLN A 875 21.40 -32.90 -3.96
C GLN A 875 20.79 -33.29 -2.61
N VAL A 876 19.59 -32.81 -2.32
CA VAL A 876 18.97 -33.12 -1.04
C VAL A 876 18.58 -34.59 -0.97
N GLU A 877 18.26 -35.20 -2.12
CA GLU A 877 17.98 -36.63 -2.13
C GLU A 877 19.24 -37.44 -1.82
N VAL A 878 20.37 -37.05 -2.40
CA VAL A 878 21.64 -37.70 -2.08
C VAL A 878 21.95 -37.56 -0.60
N PHE A 879 21.77 -36.34 -0.08
CA PHE A 879 22.04 -36.10 1.34
C PHE A 879 21.11 -36.93 2.23
N ARG A 880 19.85 -37.04 1.84
CA ARG A 880 18.90 -37.88 2.57
C ARG A 880 19.35 -39.32 2.58
N ARG A 881 19.78 -39.83 1.42
CA ARG A 881 20.26 -41.21 1.36
C ARG A 881 21.45 -41.43 2.29
N GLN A 882 22.42 -40.50 2.25
CA GLN A 882 23.60 -40.64 3.09
C GLN A 882 23.23 -40.60 4.57
N ASP A 883 22.38 -39.66 4.96
CA ASP A 883 21.98 -39.57 6.36
C ASP A 883 21.15 -40.78 6.79
N ALA A 884 20.42 -41.39 5.86
CA ALA A 884 19.67 -42.59 6.19
C ALA A 884 20.60 -43.77 6.42
N GLN A 885 21.59 -43.95 5.53
CA GLN A 885 22.59 -44.99 5.77
C GLN A 885 23.33 -44.75 7.08
N ARG A 886 23.55 -43.49 7.44
CA ARG A 886 24.21 -43.18 8.70
C ARG A 886 23.32 -43.54 9.89
N GLY A 887 22.03 -43.22 9.80
CA GLY A 887 21.09 -43.53 10.86
C GLY A 887 20.27 -42.35 11.32
N MET A 888 19.40 -41.85 10.44
CA MET A 888 18.50 -40.75 10.75
C MET A 888 17.09 -41.15 10.36
N ARG A 889 16.20 -41.23 11.35
CA ARG A 889 14.84 -41.70 11.09
C ARG A 889 14.10 -40.74 10.17
N VAL A 890 14.34 -39.43 10.32
CA VAL A 890 13.67 -38.46 9.45
C VAL A 890 14.03 -38.72 7.99
N ALA A 891 15.31 -38.96 7.71
CA ALA A 891 15.73 -39.22 6.35
C ALA A 891 15.23 -40.58 5.87
N GLN A 892 15.20 -41.57 6.75
CA GLN A 892 14.73 -42.90 6.36
C GLN A 892 13.25 -42.87 5.99
N VAL A 893 12.45 -42.09 6.71
CA VAL A 893 11.01 -42.09 6.48
C VAL A 893 10.67 -41.15 5.32
N LEU A 894 11.35 -40.01 5.22
CA LEU A 894 11.09 -39.04 4.16
C LEU A 894 11.76 -39.48 2.86
N GLU A 895 11.37 -40.68 2.42
CA GLU A 895 11.96 -41.33 1.25
C GLU A 895 11.03 -41.18 0.05
N GLY A 896 11.53 -40.53 -1.00
CA GLY A 896 10.78 -40.38 -2.23
C GLY A 896 9.75 -39.27 -2.24
N PHE A 897 9.31 -38.79 -1.07
CA PHE A 897 8.32 -37.73 -1.03
C PHE A 897 8.89 -36.39 -1.45
N ILE A 898 10.21 -36.20 -1.35
CA ILE A 898 10.83 -34.95 -1.77
C ILE A 898 10.54 -34.74 -3.26
N THR A 899 9.87 -33.64 -3.58
CA THR A 899 9.47 -33.35 -4.95
C THR A 899 9.88 -31.93 -5.31
N ARG A 900 9.69 -31.59 -6.58
CA ARG A 900 10.09 -30.27 -7.06
C ARG A 900 9.34 -29.17 -6.34
N LYS A 901 8.06 -29.40 -6.02
CA LYS A 901 7.29 -28.36 -5.34
C LYS A 901 7.85 -28.08 -3.96
N VAL A 902 8.10 -29.13 -3.17
CA VAL A 902 8.64 -28.94 -1.83
C VAL A 902 10.03 -28.32 -1.90
N VAL A 903 10.83 -28.73 -2.88
CA VAL A 903 12.17 -28.17 -3.01
C VAL A 903 12.11 -26.69 -3.37
N LYS A 904 11.17 -26.31 -4.24
CA LYS A 904 10.99 -24.91 -4.58
C LYS A 904 10.58 -24.10 -3.36
N GLN A 905 9.63 -24.63 -2.59
CA GLN A 905 9.20 -23.93 -1.37
C GLN A 905 10.36 -23.77 -0.40
N THR A 906 11.18 -24.82 -0.24
CA THR A 906 12.30 -24.74 0.68
C THR A 906 13.35 -23.74 0.21
N VAL A 907 13.62 -23.71 -1.10
CA VAL A 907 14.58 -22.75 -1.63
C VAL A 907 14.06 -21.32 -1.45
N MET A 908 12.77 -21.12 -1.67
CA MET A 908 12.19 -19.79 -1.46
C MET A 908 12.28 -19.39 0.01
N THR A 909 12.09 -20.35 0.92
CA THR A 909 12.20 -20.04 2.34
C THR A 909 13.63 -19.72 2.75
N VAL A 910 14.60 -20.43 2.17
CA VAL A 910 15.99 -20.22 2.53
C VAL A 910 16.52 -18.93 1.90
N VAL A 911 16.18 -18.69 0.64
CA VAL A 911 16.73 -17.54 -0.07
C VAL A 911 15.89 -16.29 0.18
N TYR A 912 14.56 -16.42 0.16
CA TYR A 912 13.67 -15.28 0.28
C TYR A 912 12.83 -15.32 1.56
N GLY A 913 13.19 -16.17 2.52
CA GLY A 913 12.38 -16.34 3.71
C GLY A 913 13.13 -16.07 5.01
N VAL A 914 12.55 -15.19 5.84
CA VAL A 914 13.07 -14.92 7.17
C VAL A 914 11.88 -14.94 8.12
N THR A 915 11.15 -16.06 8.15
CA THR A 915 9.93 -16.22 8.94
C THR A 915 8.78 -15.40 8.37
N ARG A 916 8.82 -15.08 7.09
CA ARG A 916 7.79 -14.27 6.44
C ARG A 916 6.89 -15.15 5.57
N TYR A 917 5.94 -14.52 4.90
CA TYR A 917 4.98 -15.24 4.07
C TYR A 917 5.70 -16.05 3.00
N GLY A 918 5.49 -17.36 3.02
CA GLY A 918 6.17 -18.26 2.11
C GLY A 918 7.34 -18.99 2.72
N GLY A 919 7.31 -19.29 4.01
CA GLY A 919 8.44 -19.89 4.68
C GLY A 919 8.21 -21.31 5.17
N ARG A 920 8.66 -21.59 6.39
CA ARG A 920 8.58 -22.94 6.92
C ARG A 920 7.13 -23.37 7.17
N LEU A 921 6.26 -22.43 7.55
CA LEU A 921 4.86 -22.78 7.74
C LEU A 921 4.23 -23.24 6.43
N GLN A 922 4.50 -22.51 5.34
CA GLN A 922 3.98 -22.94 4.05
C GLN A 922 4.64 -24.22 3.57
N ILE A 923 5.90 -24.44 3.95
CA ILE A 923 6.54 -25.73 3.65
C ILE A 923 5.78 -26.86 4.32
N GLU A 924 5.49 -26.71 5.61
CA GLU A 924 4.72 -27.73 6.33
C GLU A 924 3.35 -27.92 5.70
N LYS A 925 2.72 -26.83 5.27
CA LYS A 925 1.40 -26.93 4.62
C LYS A 925 1.49 -27.75 3.33
N ARG A 926 2.46 -27.39 2.47
CA ARG A 926 2.65 -28.13 1.22
C ARG A 926 2.93 -29.61 1.49
N LEU A 927 3.71 -29.90 2.54
CA LEU A 927 4.00 -31.30 2.86
C LEU A 927 2.75 -32.03 3.31
N ARG A 928 2.01 -31.45 4.26
CA ARG A 928 0.79 -32.08 4.76
C ARG A 928 -0.20 -32.33 3.64
N GLU A 929 -0.34 -31.37 2.72
CA GLU A 929 -1.35 -31.49 1.68
C GLU A 929 -1.17 -32.78 0.88
N LEU A 930 0.08 -33.18 0.63
CA LEU A 930 0.39 -34.40 -0.11
C LEU A 930 1.12 -35.41 0.77
N SER A 931 0.80 -35.43 2.06
CA SER A 931 1.50 -36.29 3.02
C SER A 931 0.79 -37.64 3.10
N ASP A 932 1.49 -38.69 2.68
CA ASP A 932 1.04 -40.06 2.92
C ASP A 932 1.71 -40.69 4.13
N PHE A 933 2.76 -40.07 4.65
CA PHE A 933 3.46 -40.55 5.84
C PHE A 933 2.85 -39.94 7.09
N PRO A 934 3.18 -40.47 8.26
CA PRO A 934 2.59 -39.93 9.50
C PRO A 934 2.85 -38.45 9.65
N GLN A 935 1.82 -37.73 10.11
CA GLN A 935 1.91 -36.29 10.31
C GLN A 935 2.47 -35.92 11.68
N GLU A 936 2.85 -36.90 12.50
CA GLU A 936 3.31 -36.60 13.85
C GLU A 936 4.62 -35.84 13.84
N PHE A 937 5.49 -36.08 12.86
CA PHE A 937 6.80 -35.44 12.79
C PHE A 937 6.91 -34.53 11.57
N VAL A 938 5.82 -33.87 11.18
CA VAL A 938 5.87 -32.96 10.04
C VAL A 938 6.79 -31.79 10.34
N TRP A 939 6.75 -31.29 11.58
CA TRP A 939 7.59 -30.15 11.96
C TRP A 939 9.08 -30.53 11.88
N GLU A 940 9.43 -31.70 12.42
CA GLU A 940 10.82 -32.14 12.38
C GLU A 940 11.26 -32.42 10.95
N ALA A 941 10.37 -32.99 10.13
CA ALA A 941 10.70 -33.23 8.73
C ALA A 941 10.96 -31.92 8.00
N SER A 942 10.13 -30.91 8.27
CA SER A 942 10.35 -29.61 7.63
C SER A 942 11.66 -28.99 8.09
N HIS A 943 11.97 -29.07 9.37
CA HIS A 943 13.25 -28.56 9.86
C HIS A 943 14.42 -29.25 9.15
N TYR A 944 14.39 -30.59 9.10
CA TYR A 944 15.47 -31.32 8.47
C TYR A 944 15.59 -30.97 7.00
N LEU A 945 14.46 -30.84 6.29
CA LEU A 945 14.50 -30.51 4.88
C LEU A 945 15.09 -29.12 4.65
N VAL A 946 14.67 -28.14 5.46
CA VAL A 946 15.22 -26.80 5.33
C VAL A 946 16.72 -26.82 5.58
N ARG A 947 17.16 -27.54 6.62
CA ARG A 947 18.59 -27.60 6.91
C ARG A 947 19.37 -28.23 5.76
N GLN A 948 18.86 -29.34 5.22
CA GLN A 948 19.57 -30.03 4.15
C GLN A 948 19.61 -29.18 2.89
N VAL A 949 18.52 -28.50 2.55
CA VAL A 949 18.51 -27.65 1.37
C VAL A 949 19.47 -26.48 1.56
N PHE A 950 19.53 -25.92 2.77
CA PHE A 950 20.47 -24.83 3.04
C PHE A 950 21.91 -25.31 2.87
N LYS A 951 22.24 -26.47 3.41
CA LYS A 951 23.60 -27.00 3.27
C LYS A 951 23.91 -27.30 1.81
N SER A 952 22.94 -27.82 1.07
CA SER A 952 23.16 -28.13 -0.34
C SER A 952 23.41 -26.85 -1.14
N LEU A 953 22.63 -25.80 -0.88
CA LEU A 953 22.85 -24.53 -1.54
C LEU A 953 24.22 -23.96 -1.20
N GLN A 954 24.62 -24.05 0.07
CA GLN A 954 25.95 -23.59 0.47
C GLN A 954 27.03 -24.33 -0.29
N GLU A 955 26.89 -25.66 -0.40
CA GLU A 955 27.91 -26.45 -1.08
C GLU A 955 27.96 -26.13 -2.57
N MET A 956 26.80 -25.93 -3.20
CA MET A 956 26.76 -25.72 -4.64
C MET A 956 27.22 -24.31 -5.02
N PHE A 957 26.55 -23.29 -4.50
CA PHE A 957 26.78 -21.91 -4.91
C PHE A 957 27.87 -21.32 -4.02
N SER A 958 29.11 -21.30 -4.53
CA SER A 958 30.22 -20.75 -3.76
C SER A 958 30.06 -19.24 -3.58
N GLY A 959 29.67 -18.52 -4.63
CA GLY A 959 29.45 -17.09 -4.51
C GLY A 959 28.32 -16.77 -3.55
N THR A 960 27.22 -17.51 -3.64
CA THR A 960 26.12 -17.33 -2.70
C THR A 960 26.60 -17.57 -1.27
N ARG A 961 27.33 -18.65 -1.05
CA ARG A 961 27.86 -18.93 0.29
C ARG A 961 28.70 -17.77 0.80
N ALA A 962 29.65 -17.30 -0.02
CA ALA A 962 30.55 -16.25 0.42
C ALA A 962 29.80 -14.96 0.74
N ILE A 963 28.90 -14.55 -0.16
CA ILE A 963 28.17 -13.30 0.05
C ILE A 963 27.27 -13.41 1.28
N GLN A 964 26.60 -14.56 1.45
CA GLN A 964 25.73 -14.72 2.60
C GLN A 964 26.54 -14.69 3.90
N HIS A 965 27.69 -15.36 3.93
CA HIS A 965 28.52 -15.33 5.12
C HIS A 965 29.00 -13.92 5.43
N TRP A 966 29.42 -13.18 4.40
CA TRP A 966 29.90 -11.82 4.63
C TRP A 966 28.79 -10.94 5.20
N LEU A 967 27.61 -10.97 4.57
CA LEU A 967 26.50 -10.17 5.06
C LEU A 967 26.09 -10.58 6.46
N THR A 968 26.11 -11.89 6.74
CA THR A 968 25.74 -12.37 8.07
C THR A 968 26.70 -11.84 9.13
N GLU A 969 28.01 -11.93 8.86
CA GLU A 969 28.99 -11.43 9.82
C GLU A 969 28.86 -9.93 10.00
N SER A 970 28.65 -9.19 8.91
CA SER A 970 28.49 -7.75 9.01
C SER A 970 27.30 -7.39 9.87
N ALA A 971 26.15 -8.02 9.62
CA ALA A 971 24.96 -7.74 10.42
C ALA A 971 25.18 -8.12 11.87
N ARG A 972 25.83 -9.26 12.13
CA ARG A 972 26.09 -9.67 13.49
C ARG A 972 26.95 -8.65 14.23
N LEU A 973 28.00 -8.15 13.57
CA LEU A 973 28.86 -7.17 14.23
C LEU A 973 28.12 -5.85 14.46
N ILE A 974 27.36 -5.39 13.46
CA ILE A 974 26.63 -4.13 13.63
C ILE A 974 25.59 -4.25 14.73
N SER A 975 25.01 -5.44 14.92
CA SER A 975 24.07 -5.64 16.01
C SER A 975 24.80 -5.71 17.35
N HIS A 976 25.96 -6.36 17.38
CA HIS A 976 26.75 -6.40 18.61
C HIS A 976 27.16 -5.00 19.04
N MET A 977 27.39 -4.10 18.09
CA MET A 977 27.73 -2.73 18.41
C MET A 977 26.52 -1.90 18.87
N GLY A 978 25.37 -2.53 19.07
CA GLY A 978 24.20 -1.82 19.54
C GLY A 978 23.61 -0.88 18.50
N SER A 979 23.56 -1.31 17.24
CA SER A 979 23.01 -0.50 16.16
C SER A 979 22.14 -1.38 15.26
N VAL A 980 21.29 -0.71 14.49
CA VAL A 980 20.40 -1.39 13.55
C VAL A 980 20.99 -1.27 12.16
N VAL A 981 20.87 -2.33 11.37
CA VAL A 981 21.46 -2.35 10.03
C VAL A 981 20.67 -1.43 9.12
N GLU A 982 21.39 -0.57 8.39
CA GLU A 982 20.79 0.37 7.45
C GLU A 982 21.65 0.43 6.21
N TRP A 983 21.00 0.62 5.06
CA TRP A 983 21.73 0.74 3.80
C TRP A 983 20.89 1.55 2.83
N VAL A 984 21.37 1.64 1.58
CA VAL A 984 20.69 2.38 0.53
C VAL A 984 20.67 1.52 -0.72
N THR A 985 19.48 1.32 -1.28
CA THR A 985 19.34 0.49 -2.47
C THR A 985 20.11 1.12 -3.64
N PRO A 986 20.37 0.35 -4.68
CA PRO A 986 21.07 0.92 -5.86
C PRO A 986 20.35 2.13 -6.43
N LEU A 987 19.03 2.23 -6.27
CA LEU A 987 18.31 3.38 -6.78
C LEU A 987 18.55 4.62 -5.92
N GLY A 988 18.60 4.44 -4.60
CA GLY A 988 18.82 5.55 -3.69
C GLY A 988 17.88 5.52 -2.50
N VAL A 989 16.91 4.62 -2.51
CA VAL A 989 15.94 4.51 -1.43
C VAL A 989 16.64 3.98 -0.18
N PRO A 990 16.58 4.69 0.95
CA PRO A 990 17.17 4.14 2.17
C PRO A 990 16.30 3.03 2.76
N VAL A 991 16.97 2.04 3.34
CA VAL A 991 16.33 0.87 3.90
C VAL A 991 16.87 0.63 5.30
N ILE A 992 15.98 0.38 6.26
CA ILE A 992 16.32 0.12 7.64
C ILE A 992 15.49 -1.08 8.11
N GLN A 993 16.03 -1.80 9.09
CA GLN A 993 15.37 -3.00 9.60
C GLN A 993 14.48 -2.64 10.77
N PRO A 994 13.18 -2.92 10.73
CA PRO A 994 12.32 -2.59 11.88
C PRO A 994 12.50 -3.52 13.06
N TYR A 995 13.29 -4.57 12.94
CA TYR A 995 13.43 -5.55 14.01
C TYR A 995 14.26 -4.95 15.15
N ARG A 996 13.72 -5.00 16.36
CA ARG A 996 14.42 -4.52 17.54
C ARG A 996 14.11 -5.40 18.75
N ARG A 1026 20.52 -14.04 15.73
CA ARG A 1026 19.82 -12.77 15.87
C ARG A 1026 18.92 -12.51 14.68
N LYS A 1027 17.81 -11.80 14.92
CA LYS A 1027 16.87 -11.52 13.84
C LYS A 1027 17.51 -10.65 12.76
N GLN A 1028 18.25 -9.61 13.17
CA GLN A 1028 18.97 -8.80 12.20
C GLN A 1028 19.96 -9.64 11.40
N LYS A 1029 20.73 -10.49 12.10
CA LYS A 1029 21.70 -11.33 11.43
C LYS A 1029 21.04 -12.23 10.39
N ASN A 1030 19.89 -12.82 10.73
CA ASN A 1030 19.23 -13.75 9.82
C ASN A 1030 18.44 -13.03 8.73
N GLY A 1031 18.09 -11.76 8.93
CA GLY A 1031 17.26 -11.06 7.97
C GLY A 1031 18.00 -10.10 7.05
N PHE A 1032 19.24 -9.77 7.37
CA PHE A 1032 19.97 -8.81 6.53
C PHE A 1032 20.19 -9.31 5.12
N PRO A 1033 20.66 -10.54 4.88
CA PRO A 1033 20.87 -10.99 3.49
C PRO A 1033 19.56 -11.10 2.73
N PRO A 1034 18.52 -11.72 3.31
CA PRO A 1034 17.24 -11.73 2.61
C PRO A 1034 16.70 -10.35 2.30
N ASN A 1035 16.85 -9.40 3.23
CA ASN A 1035 16.35 -8.05 2.97
C ASN A 1035 17.16 -7.37 1.87
N PHE A 1036 18.47 -7.58 1.86
CA PHE A 1036 19.29 -7.01 0.78
C PHE A 1036 18.89 -7.59 -0.57
N ILE A 1037 18.65 -8.90 -0.63
CA ILE A 1037 18.24 -9.50 -1.89
C ILE A 1037 16.87 -9.00 -2.31
N HIS A 1038 15.96 -8.82 -1.34
CA HIS A 1038 14.65 -8.26 -1.65
C HIS A 1038 14.78 -6.85 -2.22
N SER A 1039 15.65 -6.03 -1.64
CA SER A 1039 15.84 -4.67 -2.15
C SER A 1039 16.45 -4.70 -3.54
N LEU A 1040 17.39 -5.62 -3.79
CA LEU A 1040 17.97 -5.75 -5.12
C LEU A 1040 16.90 -6.12 -6.15
N ASP A 1041 16.06 -7.10 -5.81
CA ASP A 1041 14.99 -7.49 -6.73
C ASP A 1041 14.02 -6.34 -6.95
N SER A 1042 13.71 -5.58 -5.90
CA SER A 1042 12.80 -4.45 -6.04
C SER A 1042 13.40 -3.38 -6.95
N SER A 1043 14.69 -3.11 -6.81
CA SER A 1043 15.33 -2.14 -7.67
C SER A 1043 15.33 -2.60 -9.12
N HIS A 1044 15.62 -3.88 -9.35
CA HIS A 1044 15.57 -4.42 -10.70
C HIS A 1044 14.17 -4.28 -11.29
N MET A 1045 13.15 -4.60 -10.50
CA MET A 1045 11.77 -4.50 -10.98
C MET A 1045 11.41 -3.05 -11.29
N MET A 1046 11.84 -2.12 -10.44
CA MET A 1046 11.55 -0.71 -10.69
C MET A 1046 12.22 -0.23 -11.97
N LEU A 1047 13.48 -0.61 -12.18
CA LEU A 1047 14.16 -0.23 -13.41
C LEU A 1047 13.44 -0.80 -14.63
N THR A 1048 13.08 -2.07 -14.58
CA THR A 1048 12.38 -2.69 -15.70
C THR A 1048 11.05 -1.98 -15.96
N ALA A 1049 10.31 -1.66 -14.90
CA ALA A 1049 9.01 -1.02 -15.06
C ALA A 1049 9.18 0.39 -15.66
N LEU A 1050 10.16 1.14 -15.18
CA LEU A 1050 10.39 2.47 -15.72
C LEU A 1050 10.76 2.42 -17.19
N HIS A 1051 11.64 1.48 -17.57
CA HIS A 1051 12.03 1.38 -18.96
C HIS A 1051 10.86 0.94 -19.84
N CYS A 1052 10.03 0.02 -19.34
CA CYS A 1052 8.86 -0.40 -20.11
C CYS A 1052 7.88 0.75 -20.27
N TYR A 1053 7.70 1.55 -19.23
CA TYR A 1053 6.81 2.71 -19.33
C TYR A 1053 7.35 3.72 -20.33
N ARG A 1054 8.66 3.94 -20.34
CA ARG A 1054 9.26 4.82 -21.35
C ARG A 1054 9.03 4.26 -22.75
N LYS A 1055 9.10 2.93 -22.90
CA LYS A 1055 8.94 2.30 -24.20
C LYS A 1055 7.49 2.06 -24.58
N GLY A 1056 6.54 2.41 -23.71
CA GLY A 1056 5.14 2.25 -24.02
C GLY A 1056 4.63 0.84 -23.82
N LEU A 1057 4.89 0.29 -22.63
CA LEU A 1057 4.49 -1.07 -22.29
C LEU A 1057 3.69 -1.07 -21.00
N THR A 1058 2.77 -2.02 -20.90
CA THR A 1058 1.98 -2.22 -19.69
C THR A 1058 2.66 -3.30 -18.85
N PHE A 1059 3.25 -2.89 -17.73
CA PHE A 1059 4.04 -3.77 -16.88
C PHE A 1059 3.57 -3.66 -15.45
N VAL A 1060 3.48 -4.79 -14.76
CA VAL A 1060 3.11 -4.82 -13.36
C VAL A 1060 3.89 -5.95 -12.68
N SER A 1061 4.05 -5.83 -11.36
CA SER A 1061 4.72 -6.85 -10.55
C SER A 1061 3.71 -7.43 -9.58
N VAL A 1062 3.48 -8.73 -9.68
CA VAL A 1062 2.51 -9.43 -8.84
C VAL A 1062 3.22 -10.65 -8.26
N HIS A 1063 3.64 -10.56 -7.00
CA HIS A 1063 4.26 -11.67 -6.29
C HIS A 1063 5.43 -12.26 -7.07
N ASP A 1064 6.44 -11.43 -7.30
CA ASP A 1064 7.69 -11.85 -7.92
C ASP A 1064 7.51 -12.38 -9.33
N CYS A 1065 6.39 -12.07 -9.98
CA CYS A 1065 6.12 -12.48 -11.35
C CYS A 1065 5.72 -11.25 -12.14
N TYR A 1066 6.49 -10.93 -13.18
CA TYR A 1066 6.25 -9.73 -13.98
C TYR A 1066 5.14 -10.01 -14.98
N TRP A 1067 4.04 -9.26 -14.88
CA TRP A 1067 2.90 -9.41 -15.78
C TRP A 1067 2.95 -8.33 -16.84
N THR A 1068 2.73 -8.73 -18.09
CA THR A 1068 2.63 -7.80 -19.21
C THR A 1068 1.60 -8.35 -20.20
N HIS A 1069 1.65 -7.85 -21.43
CA HIS A 1069 0.76 -8.32 -22.48
C HIS A 1069 1.46 -9.35 -23.36
N ALA A 1070 0.67 -10.22 -23.98
CA ALA A 1070 1.24 -11.28 -24.81
C ALA A 1070 2.03 -10.72 -25.98
N ALA A 1071 1.74 -9.50 -26.40
CA ALA A 1071 2.42 -8.92 -27.56
C ALA A 1071 3.79 -8.35 -27.20
N ASP A 1072 3.96 -7.84 -25.98
CA ASP A 1072 5.17 -7.17 -25.57
C ASP A 1072 6.03 -8.02 -24.63
N VAL A 1073 5.85 -9.34 -24.65
CA VAL A 1073 6.63 -10.19 -23.74
C VAL A 1073 8.10 -10.16 -24.13
N SER A 1074 8.39 -10.17 -25.43
CA SER A 1074 9.79 -10.15 -25.88
C SER A 1074 10.47 -8.85 -25.47
N VAL A 1075 9.78 -7.72 -25.67
CA VAL A 1075 10.35 -6.43 -25.29
C VAL A 1075 10.55 -6.36 -23.78
N MET A 1076 9.58 -6.89 -23.02
CA MET A 1076 9.73 -6.89 -21.57
C MET A 1076 10.92 -7.72 -21.14
N ASN A 1077 11.12 -8.89 -21.76
CA ASN A 1077 12.26 -9.73 -21.39
C ASN A 1077 13.58 -9.05 -21.76
N GLN A 1078 13.63 -8.40 -22.92
CA GLN A 1078 14.83 -7.66 -23.31
C GLN A 1078 15.14 -6.58 -22.29
N VAL A 1079 14.14 -5.79 -21.91
CA VAL A 1079 14.35 -4.73 -20.94
C VAL A 1079 14.78 -5.31 -19.61
N CYS A 1080 14.20 -6.45 -19.22
CA CYS A 1080 14.57 -7.08 -17.96
C CYS A 1080 16.03 -7.48 -17.96
N ARG A 1081 16.48 -8.15 -19.02
CA ARG A 1081 17.88 -8.53 -19.13
C ARG A 1081 18.79 -7.31 -19.08
N GLU A 1082 18.45 -6.28 -19.86
CA GLU A 1082 19.29 -5.09 -19.92
C GLU A 1082 19.40 -4.42 -18.55
N GLN A 1083 18.26 -4.25 -17.87
CA GLN A 1083 18.28 -3.59 -16.57
C GLN A 1083 18.98 -4.45 -15.53
N PHE A 1084 18.85 -5.77 -15.60
CA PHE A 1084 19.56 -6.64 -14.70
C PHE A 1084 21.07 -6.47 -14.86
N VAL A 1085 21.54 -6.47 -16.11
CA VAL A 1085 22.98 -6.32 -16.34
C VAL A 1085 23.45 -4.94 -15.90
N ARG A 1086 22.65 -3.90 -16.18
CA ARG A 1086 23.03 -2.56 -15.76
C ARG A 1086 23.11 -2.46 -14.25
N LEU A 1087 22.15 -3.06 -13.53
CA LEU A 1087 22.16 -3.01 -12.09
C LEU A 1087 23.37 -3.75 -11.52
N HIS A 1088 23.61 -4.98 -11.98
CA HIS A 1088 24.69 -5.78 -11.44
C HIS A 1088 26.06 -5.41 -12.00
N SER A 1089 26.13 -4.47 -12.95
CA SER A 1089 27.43 -4.01 -13.43
C SER A 1089 28.06 -3.01 -12.48
N GLU A 1090 27.26 -2.22 -11.78
CA GLU A 1090 27.79 -1.26 -10.83
C GLU A 1090 28.44 -1.99 -9.65
N PRO A 1091 29.29 -1.31 -8.89
CA PRO A 1091 29.91 -1.96 -7.71
C PRO A 1091 28.97 -1.98 -6.51
N ILE A 1092 27.99 -2.89 -6.55
CA ILE A 1092 26.97 -2.94 -5.51
C ILE A 1092 27.59 -3.28 -4.17
N LEU A 1093 28.39 -4.35 -4.12
CA LEU A 1093 28.99 -4.78 -2.85
C LEU A 1093 29.96 -3.73 -2.33
N GLN A 1094 30.76 -3.14 -3.20
CA GLN A 1094 31.71 -2.11 -2.77
C GLN A 1094 30.98 -0.90 -2.21
N ASP A 1095 29.93 -0.44 -2.89
CA ASP A 1095 29.17 0.70 -2.40
C ASP A 1095 28.49 0.38 -1.07
N LEU A 1096 27.97 -0.84 -0.93
CA LEU A 1096 27.36 -1.24 0.34
C LEU A 1096 28.39 -1.20 1.46
N SER A 1097 29.58 -1.73 1.21
CA SER A 1097 30.63 -1.72 2.24
C SER A 1097 31.04 -0.30 2.59
N ARG A 1098 31.21 0.56 1.58
CA ARG A 1098 31.60 1.94 1.85
C ARG A 1098 30.53 2.66 2.67
N PHE A 1099 29.26 2.46 2.32
CA PHE A 1099 28.18 3.08 3.07
C PHE A 1099 28.16 2.57 4.50
N LEU A 1100 28.31 1.26 4.70
CA LEU A 1100 28.29 0.72 6.05
C LEU A 1100 29.44 1.27 6.88
N VAL A 1101 30.63 1.39 6.28
CA VAL A 1101 31.76 1.94 7.02
C VAL A 1101 31.50 3.40 7.39
N LYS A 1102 31.10 4.21 6.40
CA LYS A 1102 30.84 5.62 6.67
C LYS A 1102 29.75 5.78 7.72
N ARG A 1103 28.81 4.85 7.79
CA ARG A 1103 27.70 4.97 8.73
C ARG A 1103 28.11 4.56 10.15
N PHE A 1104 28.68 3.37 10.29
CA PHE A 1104 28.94 2.80 11.61
C PHE A 1104 30.39 2.94 12.05
N CYS A 1105 31.17 3.80 11.40
CA CYS A 1105 32.55 4.04 11.81
C CYS A 1105 32.97 5.47 11.47
N GLN A 1116 36.70 -4.37 14.97
CA GLN A 1116 36.84 -5.42 13.97
C GLN A 1116 35.77 -5.29 12.88
N LEU A 1117 34.81 -4.41 13.10
CA LEU A 1117 33.74 -4.22 12.13
C LEU A 1117 34.28 -3.71 10.80
N LYS A 1118 35.13 -2.68 10.85
CA LYS A 1118 35.67 -2.11 9.62
C LYS A 1118 36.45 -3.15 8.82
N GLU A 1119 37.11 -4.09 9.52
CA GLU A 1119 37.89 -5.10 8.82
C GLU A 1119 36.99 -6.03 8.01
N THR A 1120 35.87 -6.46 8.59
CA THR A 1120 34.97 -7.35 7.87
C THR A 1120 34.31 -6.64 6.70
N LEU A 1121 33.92 -5.38 6.89
CA LEU A 1121 33.29 -4.63 5.80
C LEU A 1121 34.24 -4.46 4.63
N GLN A 1122 35.51 -4.17 4.93
CA GLN A 1122 36.50 -4.02 3.85
C GLN A 1122 36.72 -5.34 3.11
N ALA A 1123 36.56 -6.47 3.80
CA ALA A 1123 36.78 -7.79 3.19
C ALA A 1123 35.54 -8.17 2.37
N VAL A 1124 35.36 -7.45 1.27
CA VAL A 1124 34.25 -7.73 0.36
C VAL A 1124 34.50 -9.06 -0.33
N PRO A 1125 33.49 -9.91 -0.55
CA PRO A 1125 33.73 -11.18 -1.23
C PRO A 1125 34.38 -10.98 -2.59
N LYS A 1126 35.34 -11.84 -2.89
CA LYS A 1126 36.07 -11.73 -4.15
C LYS A 1126 35.14 -12.11 -5.31
N PRO A 1127 35.04 -11.29 -6.34
CA PRO A 1127 34.18 -11.65 -7.48
C PRO A 1127 34.80 -12.75 -8.32
N GLY A 1128 33.95 -13.61 -8.85
CA GLY A 1128 34.38 -14.70 -9.70
C GLY A 1128 34.63 -14.25 -11.13
N ALA A 1129 34.80 -15.24 -12.00
CA ALA A 1129 35.07 -15.00 -13.42
C ALA A 1129 33.79 -15.32 -14.20
N PHE A 1130 33.17 -14.29 -14.76
CA PHE A 1130 31.94 -14.46 -15.53
C PHE A 1130 31.60 -13.19 -16.30
N ASP A 1131 31.42 -13.31 -17.61
CA ASP A 1131 31.05 -12.17 -18.46
C ASP A 1131 29.57 -11.92 -18.30
N LEU A 1132 29.22 -10.97 -17.43
CA LEU A 1132 27.80 -10.71 -17.15
C LEU A 1132 27.04 -10.33 -18.41
N GLU A 1133 27.71 -9.75 -19.40
CA GLU A 1133 27.04 -9.38 -20.63
C GLU A 1133 26.33 -10.58 -21.27
N GLN A 1134 26.84 -11.80 -21.01
CA GLN A 1134 26.20 -12.99 -21.56
C GLN A 1134 24.72 -13.06 -21.22
N VAL A 1135 24.32 -12.45 -20.11
CA VAL A 1135 22.91 -12.48 -19.72
C VAL A 1135 22.04 -11.91 -20.83
N LYS A 1136 22.50 -10.84 -21.48
CA LYS A 1136 21.72 -10.25 -22.56
C LYS A 1136 21.38 -11.28 -23.64
N ARG A 1137 22.25 -12.25 -23.85
CA ARG A 1137 22.02 -13.27 -24.87
C ARG A 1137 21.12 -14.39 -24.38
N SER A 1138 21.03 -14.60 -23.07
CA SER A 1138 20.20 -15.68 -22.54
C SER A 1138 18.74 -15.45 -22.89
N THR A 1139 18.13 -16.42 -23.58
CA THR A 1139 16.73 -16.35 -23.95
C THR A 1139 15.81 -17.01 -22.93
N TYR A 1140 16.34 -17.86 -22.06
CA TYR A 1140 15.58 -18.50 -20.99
C TYR A 1140 15.79 -17.81 -19.65
N PHE A 1141 16.30 -16.57 -19.66
CA PHE A 1141 16.55 -15.86 -18.42
C PHE A 1141 15.26 -15.71 -17.60
N PHE A 1142 14.16 -15.36 -18.27
CA PHE A 1142 12.86 -15.21 -17.63
C PHE A 1142 11.85 -16.03 -18.41
N SER A 1143 11.26 -17.02 -17.75
CA SER A 1143 10.29 -17.90 -18.40
C SER A 1143 9.20 -18.33 -17.41
C01 R4Q B . -10.87 -18.46 -2.89
C02 R4Q B . -10.04 -17.20 -3.17
C04 R4Q B . -10.38 -15.08 -4.48
C05 R4Q B . -11.23 -14.27 -5.30
C06 R4Q B . -10.90 -12.92 -5.53
C07 R4Q B . -9.75 -12.30 -4.98
C08 R4Q B . -9.40 -10.90 -5.19
C09 R4Q B . -10.23 -9.98 -5.99
C10 R4Q B . -11.06 -9.04 -5.34
C11 R4Q B . -11.86 -8.16 -6.07
C12 R4Q B . -11.85 -8.22 -7.48
C14 R4Q B . -11.03 -9.16 -8.15
C15 R4Q B . -10.26 -10.02 -7.38
C17 R4Q B . -8.23 -10.41 -4.71
C18 R4Q B . -7.36 -11.26 -3.89
C21 R4Q B . -8.92 -13.09 -4.17
C22 R4Q B . -9.23 -14.46 -3.93
C23 R4Q B . -9.79 -16.43 -1.74
C26 R4Q B . -8.45 -16.05 0.44
C27 R4Q B . -7.77 -16.93 1.50
C28 R4Q B . -6.40 -17.43 1.09
C29 R4Q B . -6.29 -17.66 -0.43
C30 R4Q B . -5.45 -19.00 -0.60
C33 R4Q B . -7.68 -17.81 -1.14
F13 R4Q B . -12.58 -7.43 -8.16
N25 R4Q B . -8.69 -16.75 -0.87
O03 R4Q B . -10.71 -16.44 -4.26
O19 R4Q B . -6.28 -10.93 -3.46
O20 R4Q B . -7.79 -12.55 -3.60
O24 R4Q B . -10.58 -15.54 -1.46
O31 R4Q B . -5.82 -19.82 -1.47
O32 R4Q B . -4.45 -19.16 0.12
CL1 R4Q B . -9.25 -11.19 -8.21
#